data_7WKS
#
_entry.id   7WKS
#
_cell.length_a   1.00
_cell.length_b   1.00
_cell.length_c   1.00
_cell.angle_alpha   90.00
_cell.angle_beta   90.00
_cell.angle_gamma   90.00
#
_symmetry.space_group_name_H-M   'P 1'
#
_entity_poly.entity_id   1
_entity_poly.type   'polypeptide(L)'
_entity_poly.pdbx_seq_one_letter_code
;DYKDDDDKWSHPQFEKGGGGSGGSAWSHPQFEKEFKGLVDMISWHDLYTVLTAVIPLYVAMILAYGSVRWWKIFSPDQCS
GINRFVAIFAVPLLSFHFISTNNPYAMNLRFIAADTLQKIIMLSLLVLWANFTRSGSLEWSITIFSLSTLPNTLVMGIPL
LIAMYGEYSGSLMVQIVVLQCIIWYTLLLFLFEFRGAKMLIMEQFPETAASIVSFKVESDVVSLDGHDFLETDAEIGDDG
KLHVTVRKSNASRRSFCGPNMTPRPSNLTGAEIYSLSTTPRGSNFNHSDFYNMMGFPGGRLSNFGPADMYSVQSSRGPTP
RPSNFEENCAMASSPRFGYYPGGGAGSYPAPNPEFSSTTTSTANKSVNKNPKDVNTNQQTTLPTGGKSNSHDAKELHMFV
WSSNGSPVSDRAGLNVFGGAPDNDQGGRSDQGAKEIRMLVPDQSHNGETKAVAHPASGDFGGEQQFSFAGKEEEAERPKD
AENGLNKLAPNSTAALQSKTGLGGAEASQRKNMPPASVMTRLILIMVWRKLIRNPNTYSSLIGLIWALVAFRWHVAMPKI
IQQSISILSDAGLGMAMFSLGLFMALQPKLIACGNSVATFAMAVRFLTGPAVMAVAAIAIGLRGDLLRVAIVQAALPQGI
VPFVFAKEYNVHPAILSTGVIFGMLIALPITLVYYILLGL
;
_entity_poly.pdbx_strand_id   B,A
#
# COMPACT_ATOMS: atom_id res chain seq x y z
N SER A 43 12.26 35.26 3.51
CA SER A 43 13.18 34.55 4.39
C SER A 43 13.58 33.21 3.78
N TRP A 44 14.21 32.37 4.62
CA TRP A 44 14.64 31.04 4.20
C TRP A 44 14.15 29.92 5.10
N HIS A 45 13.86 30.19 6.37
CA HIS A 45 13.35 29.16 7.25
C HIS A 45 11.96 28.69 6.81
N ASP A 46 11.11 29.62 6.40
CA ASP A 46 9.80 29.25 5.88
C ASP A 46 9.93 28.42 4.61
N LEU A 47 10.90 28.78 3.75
CA LEU A 47 11.17 27.97 2.57
C LEU A 47 11.62 26.57 2.97
N TYR A 48 12.44 26.46 4.03
CA TYR A 48 12.85 25.14 4.48
C TYR A 48 11.67 24.33 5.01
N THR A 49 10.74 24.98 5.71
CA THR A 49 9.56 24.28 6.19
C THR A 49 8.69 23.79 5.04
N VAL A 50 8.50 24.63 4.03
CA VAL A 50 7.72 24.21 2.86
C VAL A 50 8.39 23.04 2.16
N LEU A 51 9.72 23.11 2.00
CA LEU A 51 10.45 22.01 1.38
C LEU A 51 10.34 20.74 2.21
N THR A 52 10.42 20.85 3.53
CA THR A 52 10.26 19.69 4.39
C THR A 52 8.89 19.07 4.20
N ALA A 53 7.86 19.90 4.05
CA ALA A 53 6.51 19.38 3.84
C ALA A 53 6.38 18.69 2.49
N VAL A 54 7.00 19.25 1.44
CA VAL A 54 6.71 18.79 0.08
C VAL A 54 7.65 17.73 -0.47
N ILE A 55 8.91 17.69 -0.03
CA ILE A 55 9.88 16.75 -0.61
C ILE A 55 9.49 15.28 -0.41
N PRO A 56 9.02 14.83 0.76
CA PRO A 56 8.71 13.39 0.89
C PRO A 56 7.75 12.86 -0.15
N LEU A 57 6.79 13.66 -0.58
CA LEU A 57 5.91 13.26 -1.67
C LEU A 57 6.71 12.99 -2.94
N TYR A 58 7.65 13.87 -3.26
CA TYR A 58 8.49 13.68 -4.43
C TYR A 58 9.45 12.51 -4.25
N VAL A 59 9.88 12.24 -3.02
CA VAL A 59 10.73 11.08 -2.76
C VAL A 59 9.97 9.80 -3.07
N ALA A 60 8.72 9.71 -2.62
CA ALA A 60 7.91 8.54 -2.95
C ALA A 60 7.67 8.43 -4.45
N MET A 61 7.38 9.56 -5.10
CA MET A 61 7.14 9.55 -6.54
C MET A 61 8.37 9.08 -7.30
N ILE A 62 9.55 9.58 -6.94
CA ILE A 62 10.79 9.19 -7.60
C ILE A 62 11.14 7.74 -7.30
N LEU A 63 10.84 7.28 -6.08
CA LEU A 63 11.08 5.87 -5.76
C LEU A 63 10.25 4.96 -6.66
N ALA A 64 8.97 5.29 -6.84
CA ALA A 64 8.13 4.49 -7.74
C ALA A 64 8.64 4.58 -9.18
N TYR A 65 9.01 5.79 -9.62
CA TYR A 65 9.48 5.97 -10.99
C TYR A 65 10.74 5.15 -11.25
N GLY A 66 11.68 5.16 -10.31
CA GLY A 66 12.89 4.36 -10.46
C GLY A 66 12.62 2.87 -10.38
N SER A 67 11.71 2.47 -9.48
CA SER A 67 11.37 1.05 -9.36
C SER A 67 10.80 0.50 -10.66
N VAL A 68 10.03 1.32 -11.38
CA VAL A 68 9.47 0.82 -12.64
C VAL A 68 10.44 1.01 -13.82
N ARG A 69 11.17 2.13 -13.86
CA ARG A 69 11.96 2.50 -15.04
C ARG A 69 13.42 2.10 -14.93
N TRP A 70 14.07 2.37 -13.80
CA TRP A 70 15.51 2.15 -13.67
C TRP A 70 15.81 0.72 -13.18
N TRP A 71 15.31 0.38 -12.00
CA TRP A 71 15.64 -0.89 -11.36
C TRP A 71 14.76 -2.05 -11.83
N LYS A 72 13.65 -1.77 -12.51
CA LYS A 72 12.79 -2.81 -13.10
C LYS A 72 12.32 -3.81 -12.05
N ILE A 73 11.54 -3.32 -11.09
CA ILE A 73 11.04 -4.14 -10.01
C ILE A 73 9.61 -4.63 -10.28
N PHE A 74 8.74 -3.74 -10.73
CA PHE A 74 7.32 -4.03 -10.86
C PHE A 74 6.92 -4.21 -12.31
N SER A 75 6.11 -5.22 -12.58
CA SER A 75 5.51 -5.42 -13.89
C SER A 75 4.37 -4.45 -14.10
N PRO A 76 4.00 -4.18 -15.37
CA PRO A 76 2.88 -3.26 -15.62
C PRO A 76 1.58 -3.68 -14.96
N ASP A 77 1.27 -4.99 -14.94
CA ASP A 77 0.02 -5.42 -14.33
C ASP A 77 0.10 -5.41 -12.81
N GLN A 78 1.29 -5.64 -12.25
CA GLN A 78 1.47 -5.43 -10.81
C GLN A 78 1.25 -3.97 -10.44
N CYS A 79 1.76 -3.05 -11.27
CA CYS A 79 1.49 -1.63 -11.06
C CYS A 79 0.00 -1.33 -11.17
N SER A 80 -0.68 -1.99 -12.11
CA SER A 80 -2.13 -1.80 -12.23
C SER A 80 -2.84 -2.29 -10.97
N GLY A 81 -2.39 -3.40 -10.39
CA GLY A 81 -2.97 -3.88 -9.15
C GLY A 81 -2.74 -2.92 -8.00
N ILE A 82 -1.54 -2.36 -7.90
CA ILE A 82 -1.27 -1.37 -6.87
C ILE A 82 -2.16 -0.14 -7.04
N ASN A 83 -2.31 0.33 -8.29
CA ASN A 83 -3.17 1.48 -8.55
C ASN A 83 -4.62 1.18 -8.21
N ARG A 84 -5.08 -0.03 -8.54
CA ARG A 84 -6.45 -0.42 -8.21
C ARG A 84 -6.66 -0.44 -6.71
N PHE A 85 -5.70 -1.00 -5.96
CA PHE A 85 -5.81 -0.98 -4.50
C PHE A 85 -5.87 0.45 -3.98
N VAL A 86 -4.99 1.32 -4.49
CA VAL A 86 -4.96 2.70 -4.02
C VAL A 86 -6.30 3.36 -4.25
N ALA A 87 -6.81 3.29 -5.49
CA ALA A 87 -8.05 3.96 -5.84
C ALA A 87 -9.24 3.41 -5.07
N ILE A 88 -9.28 2.09 -4.85
CA ILE A 88 -10.43 1.49 -4.18
C ILE A 88 -10.42 1.77 -2.68
N PHE A 89 -9.24 1.69 -2.04
CA PHE A 89 -9.18 1.70 -0.58
C PHE A 89 -8.56 2.97 0.00
N ALA A 90 -7.38 3.37 -0.46
CA ALA A 90 -6.60 4.36 0.28
C ALA A 90 -7.16 5.77 0.08
N VAL A 91 -7.63 6.09 -1.12
CA VAL A 91 -8.15 7.42 -1.40
C VAL A 91 -9.53 7.59 -0.78
N PRO A 92 -10.48 6.66 -0.96
CA PRO A 92 -11.79 6.83 -0.30
C PRO A 92 -11.68 6.93 1.22
N LEU A 93 -10.78 6.16 1.84
CA LEU A 93 -10.68 6.21 3.30
C LEU A 93 -10.04 7.52 3.75
N LEU A 94 -9.05 8.02 3.01
CA LEU A 94 -8.47 9.32 3.32
C LEU A 94 -9.52 10.42 3.19
N SER A 95 -10.32 10.37 2.12
CA SER A 95 -11.38 11.35 1.95
C SER A 95 -12.41 11.27 3.07
N PHE A 96 -12.78 10.06 3.48
CA PHE A 96 -13.72 9.90 4.58
C PHE A 96 -13.14 10.46 5.88
N HIS A 97 -11.86 10.18 6.14
CA HIS A 97 -11.23 10.70 7.35
C HIS A 97 -11.19 12.22 7.35
N PHE A 98 -10.91 12.83 6.20
CA PHE A 98 -10.86 14.28 6.14
C PHE A 98 -12.25 14.90 6.27
N ILE A 99 -13.26 14.32 5.61
CA ILE A 99 -14.59 14.90 5.62
C ILE A 99 -15.26 14.73 6.99
N SER A 100 -15.14 13.55 7.59
CA SER A 100 -15.81 13.28 8.86
C SER A 100 -15.25 14.10 10.02
N THR A 101 -14.08 14.72 9.85
CA THR A 101 -13.52 15.59 10.86
C THR A 101 -13.91 17.06 10.66
N ASN A 102 -14.24 17.45 9.44
CA ASN A 102 -14.62 18.83 9.15
C ASN A 102 -15.94 19.17 9.82
N ASN A 103 -16.06 20.44 10.22
CA ASN A 103 -17.29 20.93 10.84
C ASN A 103 -18.13 21.62 9.79
N PRO A 104 -19.28 21.07 9.41
CA PRO A 104 -20.11 21.72 8.38
C PRO A 104 -20.89 22.93 8.86
N TYR A 105 -20.85 23.23 10.16
CA TYR A 105 -21.54 24.39 10.72
C TYR A 105 -20.62 25.59 10.90
N ALA A 106 -19.36 25.50 10.45
CA ALA A 106 -18.40 26.59 10.61
C ALA A 106 -17.70 26.89 9.29
N MET A 107 -18.38 26.64 8.17
CA MET A 107 -17.79 26.89 6.87
C MET A 107 -17.65 28.39 6.60
N ASN A 108 -16.62 28.74 5.84
CA ASN A 108 -16.39 30.13 5.42
C ASN A 108 -17.19 30.38 4.16
N LEU A 109 -18.25 31.19 4.28
CA LEU A 109 -19.16 31.39 3.15
C LEU A 109 -18.49 32.14 2.01
N ARG A 110 -17.65 33.12 2.32
CA ARG A 110 -17.08 33.97 1.27
C ARG A 110 -16.06 33.21 0.42
N PHE A 111 -15.29 32.31 1.04
CA PHE A 111 -14.34 31.51 0.28
C PHE A 111 -15.06 30.62 -0.72
N ILE A 112 -16.12 29.95 -0.28
CA ILE A 112 -16.91 29.12 -1.18
C ILE A 112 -17.57 29.97 -2.26
N ALA A 113 -18.00 31.18 -1.89
CA ALA A 113 -18.60 32.08 -2.87
C ALA A 113 -17.60 32.44 -3.96
N ALA A 114 -16.36 32.74 -3.59
CA ALA A 114 -15.33 33.05 -4.59
C ALA A 114 -15.01 31.85 -5.46
N ASP A 115 -14.88 30.67 -4.84
CA ASP A 115 -14.57 29.47 -5.61
C ASP A 115 -15.70 29.14 -6.60
N THR A 116 -16.96 29.37 -6.21
CA THR A 116 -18.07 29.17 -7.12
C THR A 116 -18.16 30.26 -8.18
N LEU A 117 -17.81 31.49 -7.82
CA LEU A 117 -17.88 32.60 -8.77
C LEU A 117 -16.88 32.44 -9.89
N GLN A 118 -15.67 31.96 -9.58
CA GLN A 118 -14.72 31.75 -10.67
C GLN A 118 -15.23 30.71 -11.65
N LYS A 119 -15.87 29.65 -11.15
CA LYS A 119 -16.37 28.60 -12.03
C LYS A 119 -17.57 29.09 -12.83
N ILE A 120 -18.41 29.94 -12.24
CA ILE A 120 -19.51 30.55 -12.98
C ILE A 120 -18.96 31.44 -14.10
N ILE A 121 -17.90 32.19 -13.80
CA ILE A 121 -17.27 33.04 -14.82
C ILE A 121 -16.73 32.17 -15.96
N MET A 122 -16.05 31.09 -15.61
CA MET A 122 -15.51 30.20 -16.65
C MET A 122 -16.60 29.58 -17.49
N LEU A 123 -17.70 29.13 -16.86
CA LEU A 123 -18.80 28.55 -17.63
C LEU A 123 -19.46 29.59 -18.52
N SER A 124 -19.61 30.83 -18.03
CA SER A 124 -20.18 31.88 -18.87
C SER A 124 -19.30 32.16 -20.08
N LEU A 125 -17.98 32.25 -19.86
CA LEU A 125 -17.07 32.48 -20.98
C LEU A 125 -17.14 31.34 -21.98
N LEU A 126 -17.19 30.10 -21.50
CA LEU A 126 -17.27 28.95 -22.40
C LEU A 126 -18.58 28.95 -23.18
N VAL A 127 -19.68 29.30 -22.53
CA VAL A 127 -20.98 29.32 -23.21
C VAL A 127 -20.98 30.38 -24.31
N LEU A 128 -20.50 31.59 -23.99
CA LEU A 128 -20.43 32.64 -25.00
C LEU A 128 -19.50 32.26 -26.14
N TRP A 129 -18.39 31.60 -25.84
CA TRP A 129 -17.47 31.20 -26.90
C TRP A 129 -18.08 30.12 -27.80
N ALA A 130 -18.75 29.13 -27.19
CA ALA A 130 -19.26 28.01 -27.98
C ALA A 130 -20.48 28.40 -28.80
N ASN A 131 -21.43 29.12 -28.19
CA ASN A 131 -22.69 29.39 -28.89
C ASN A 131 -22.56 30.46 -29.97
N PHE A 132 -21.62 31.39 -29.82
CA PHE A 132 -21.51 32.53 -30.72
C PHE A 132 -20.20 32.54 -31.49
N THR A 133 -19.61 31.37 -31.72
CA THR A 133 -18.43 31.24 -32.55
C THR A 133 -18.40 29.84 -33.17
N ARG A 134 -17.98 29.77 -34.43
CA ARG A 134 -17.95 28.49 -35.13
C ARG A 134 -16.87 27.56 -34.59
N SER A 135 -15.85 28.08 -33.94
CA SER A 135 -14.77 27.26 -33.41
C SER A 135 -15.11 26.62 -32.08
N GLY A 136 -16.23 26.99 -31.45
CA GLY A 136 -16.58 26.43 -30.17
C GLY A 136 -16.97 24.97 -30.25
N SER A 137 -16.76 24.25 -29.15
CA SER A 137 -17.12 22.85 -29.06
C SER A 137 -17.38 22.50 -27.60
N LEU A 138 -18.14 21.42 -27.40
CA LEU A 138 -18.44 20.98 -26.05
C LEU A 138 -17.23 20.31 -25.39
N GLU A 139 -16.50 19.48 -26.15
CA GLU A 139 -15.34 18.80 -25.60
C GLU A 139 -14.26 19.79 -25.18
N TRP A 140 -14.00 20.80 -26.01
CA TRP A 140 -13.02 21.82 -25.65
C TRP A 140 -13.46 22.60 -24.42
N SER A 141 -14.75 22.90 -24.31
CA SER A 141 -15.26 23.60 -23.14
C SER A 141 -15.05 22.77 -21.88
N ILE A 142 -15.36 21.47 -21.96
CA ILE A 142 -15.19 20.60 -20.80
C ILE A 142 -13.72 20.51 -20.40
N THR A 143 -12.83 20.34 -21.39
CA THR A 143 -11.40 20.24 -21.10
C THR A 143 -10.87 21.53 -20.48
N ILE A 144 -11.27 22.69 -21.01
CA ILE A 144 -10.80 23.96 -20.48
C ILE A 144 -11.31 24.16 -19.06
N PHE A 145 -12.58 23.82 -18.81
CA PHE A 145 -13.13 23.95 -17.46
C PHE A 145 -12.36 23.06 -16.48
N SER A 146 -12.08 21.82 -16.89
CA SER A 146 -11.33 20.90 -16.03
C SER A 146 -9.93 21.43 -15.75
N LEU A 147 -9.24 21.93 -16.78
CA LEU A 147 -7.88 22.44 -16.59
C LEU A 147 -7.86 23.66 -15.68
N SER A 148 -8.81 24.58 -15.87
CA SER A 148 -8.73 25.88 -15.21
C SER A 148 -9.44 25.95 -13.88
N THR A 149 -10.23 24.94 -13.49
CA THR A 149 -11.01 25.07 -12.26
C THR A 149 -10.87 23.93 -11.26
N LEU A 150 -10.11 22.87 -11.57
CA LEU A 150 -10.07 21.67 -10.72
C LEU A 150 -8.64 21.27 -10.42
N PRO A 151 -8.03 21.86 -9.39
CA PRO A 151 -6.66 21.50 -9.00
C PRO A 151 -6.67 20.29 -8.06
N ASN A 152 -5.47 19.86 -7.67
CA ASN A 152 -5.33 18.74 -6.76
C ASN A 152 -5.24 19.33 -5.37
N THR A 153 -6.31 19.18 -4.61
CA THR A 153 -6.40 19.74 -3.27
C THR A 153 -6.26 18.68 -2.18
N LEU A 154 -6.66 17.44 -2.47
CA LEU A 154 -6.67 16.41 -1.44
C LEU A 154 -5.26 15.93 -1.13
N VAL A 155 -4.58 15.37 -2.12
CA VAL A 155 -3.28 14.73 -1.86
C VAL A 155 -2.21 15.77 -1.54
N MET A 156 -2.12 16.82 -2.36
CA MET A 156 -1.04 17.79 -2.25
C MET A 156 -1.46 19.11 -1.61
N GLY A 157 -2.70 19.56 -1.86
CA GLY A 157 -3.10 20.88 -1.41
C GLY A 157 -3.06 21.03 0.10
N ILE A 158 -3.58 20.05 0.82
CA ILE A 158 -3.67 20.16 2.29
C ILE A 158 -2.30 20.28 2.94
N PRO A 159 -1.33 19.40 2.69
CA PRO A 159 -0.03 19.56 3.35
C PRO A 159 0.70 20.83 2.95
N LEU A 160 0.72 21.16 1.65
CA LEU A 160 1.43 22.34 1.18
C LEU A 160 0.83 23.62 1.77
N LEU A 161 -0.50 23.72 1.77
CA LEU A 161 -1.13 24.91 2.30
C LEU A 161 -1.02 24.98 3.83
N ILE A 162 -1.04 23.84 4.51
CA ILE A 162 -0.82 23.84 5.96
C ILE A 162 0.58 24.35 6.28
N ALA A 163 1.58 23.89 5.51
CA ALA A 163 2.95 24.37 5.73
C ALA A 163 3.07 25.85 5.41
N MET A 164 2.40 26.31 4.35
CA MET A 164 2.57 27.69 3.93
C MET A 164 1.88 28.67 4.88
N TYR A 165 0.65 28.37 5.29
CA TYR A 165 -0.15 29.34 6.04
C TYR A 165 -0.70 28.87 7.38
N GLY A 166 -0.91 27.58 7.57
CA GLY A 166 -1.38 27.07 8.85
C GLY A 166 -2.52 26.09 8.68
N GLU A 167 -3.12 25.74 9.82
CA GLU A 167 -4.18 24.73 9.84
C GLU A 167 -5.51 25.26 9.30
N TYR A 168 -5.76 26.56 9.43
CA TYR A 168 -6.98 27.13 8.85
C TYR A 168 -7.00 26.96 7.35
N SER A 169 -5.83 27.07 6.70
CA SER A 169 -5.74 26.76 5.29
C SER A 169 -6.11 25.32 5.02
N GLY A 170 -5.71 24.40 5.91
CA GLY A 170 -6.12 23.02 5.76
C GLY A 170 -7.62 22.84 5.85
N SER A 171 -8.27 23.56 6.77
CA SER A 171 -9.72 23.50 6.86
C SER A 171 -10.37 24.04 5.59
N LEU A 172 -9.83 25.14 5.04
CA LEU A 172 -10.37 25.67 3.79
C LEU A 172 -10.21 24.68 2.66
N MET A 173 -9.07 24.00 2.59
CA MET A 173 -8.87 22.98 1.56
C MET A 173 -9.86 21.83 1.75
N VAL A 174 -10.16 21.46 2.99
CA VAL A 174 -11.14 20.41 3.24
C VAL A 174 -12.51 20.83 2.74
N GLN A 175 -12.90 22.07 3.01
CA GLN A 175 -14.19 22.58 2.50
C GLN A 175 -14.22 22.57 0.97
N ILE A 176 -13.12 22.96 0.34
CA ILE A 176 -13.06 22.96 -1.12
C ILE A 176 -13.19 21.53 -1.65
N VAL A 177 -12.52 20.58 -0.99
CA VAL A 177 -12.61 19.18 -1.42
C VAL A 177 -14.05 18.68 -1.28
N VAL A 178 -14.73 19.05 -0.20
CA VAL A 178 -16.11 18.63 0.01
C VAL A 178 -16.99 19.18 -1.12
N LEU A 179 -16.82 20.46 -1.44
CA LEU A 179 -17.62 21.06 -2.52
C LEU A 179 -17.32 20.41 -3.87
N GLN A 180 -16.05 20.11 -4.12
CA GLN A 180 -15.64 19.46 -5.36
C GLN A 180 -16.23 18.06 -5.50
N CYS A 181 -16.24 17.31 -4.41
CA CYS A 181 -16.76 15.95 -4.42
C CYS A 181 -18.29 15.94 -4.57
N ILE A 182 -18.98 16.84 -3.88
CA ILE A 182 -20.44 16.81 -3.90
C ILE A 182 -20.99 17.33 -5.23
N ILE A 183 -20.46 18.45 -5.71
CA ILE A 183 -21.10 19.23 -6.77
C ILE A 183 -20.33 19.11 -8.10
N TRP A 184 -19.08 19.58 -8.13
CA TRP A 184 -18.40 19.79 -9.41
C TRP A 184 -18.10 18.49 -10.14
N TYR A 185 -17.76 17.43 -9.41
CA TYR A 185 -17.61 16.13 -10.05
C TYR A 185 -18.95 15.64 -10.58
N THR A 186 -20.03 15.88 -9.84
CA THR A 186 -21.36 15.54 -10.33
C THR A 186 -21.70 16.32 -11.59
N LEU A 187 -21.35 17.61 -11.63
CA LEU A 187 -21.59 18.41 -12.83
C LEU A 187 -20.78 17.89 -14.02
N LEU A 188 -19.53 17.50 -13.78
CA LEU A 188 -18.73 16.91 -14.84
C LEU A 188 -19.38 15.64 -15.36
N LEU A 189 -19.87 14.79 -14.45
CA LEU A 189 -20.55 13.57 -14.87
C LEU A 189 -21.83 13.89 -15.65
N PHE A 190 -22.55 14.92 -15.23
CA PHE A 190 -23.74 15.36 -15.97
C PHE A 190 -23.38 15.75 -17.39
N LEU A 191 -22.31 16.53 -17.56
CA LEU A 191 -21.90 16.95 -18.89
C LEU A 191 -21.46 15.76 -19.73
N PHE A 192 -20.69 14.84 -19.15
CA PHE A 192 -20.22 13.69 -19.91
C PHE A 192 -21.38 12.79 -20.33
N GLU A 193 -22.34 12.56 -19.43
CA GLU A 193 -23.49 11.75 -19.77
C GLU A 193 -24.38 12.45 -20.81
N PHE A 194 -24.50 13.78 -20.73
CA PHE A 194 -25.25 14.51 -21.76
C PHE A 194 -24.58 14.36 -23.12
N ARG A 195 -23.26 14.47 -23.17
CA ARG A 195 -22.55 14.28 -24.43
C ARG A 195 -22.74 12.88 -24.98
N GLY A 196 -22.65 11.87 -24.10
CA GLY A 196 -22.87 10.50 -24.55
C GLY A 196 -24.27 10.27 -25.07
N ALA A 197 -25.27 10.80 -24.37
CA ALA A 197 -26.66 10.65 -24.81
C ALA A 197 -26.89 11.37 -26.13
N LYS A 198 -26.31 12.55 -26.30
CA LYS A 198 -26.41 13.27 -27.57
C LYS A 198 -25.80 12.47 -28.70
N MET A 199 -24.62 11.88 -28.46
CA MET A 199 -23.97 11.07 -29.49
C MET A 199 -24.83 9.87 -29.85
N LEU A 200 -25.38 9.19 -28.85
CA LEU A 200 -26.21 8.01 -29.11
C LEU A 200 -27.47 8.39 -29.90
N ILE A 201 -28.13 9.48 -29.50
CA ILE A 201 -29.34 9.92 -30.19
C ILE A 201 -29.03 10.32 -31.63
N MET A 202 -27.96 11.08 -31.83
CA MET A 202 -27.62 11.53 -33.17
C MET A 202 -27.25 10.36 -34.07
N GLU A 203 -26.47 9.40 -33.56
CA GLU A 203 -26.03 8.30 -34.41
C GLU A 203 -27.15 7.30 -34.70
N GLN A 204 -27.91 6.91 -33.67
CA GLN A 204 -28.90 5.86 -33.86
C GLN A 204 -30.11 6.34 -34.67
N PHE A 205 -30.56 7.57 -34.43
CA PHE A 205 -31.75 8.11 -35.07
C PHE A 205 -31.41 9.45 -35.70
N PRO A 206 -30.78 9.46 -36.88
CA PRO A 206 -30.51 10.73 -37.55
C PRO A 206 -31.78 11.50 -37.91
N GLU A 207 -32.87 10.81 -38.21
CA GLU A 207 -34.13 11.45 -38.58
C GLU A 207 -35.29 11.06 -37.68
N THR A 208 -35.28 9.87 -37.09
CA THR A 208 -36.38 9.38 -36.27
C THR A 208 -36.40 9.99 -34.87
N ALA A 209 -35.28 10.58 -34.42
CA ALA A 209 -35.20 11.13 -33.07
C ALA A 209 -36.07 12.36 -32.88
N ALA A 210 -36.81 12.80 -33.90
CA ALA A 210 -37.63 13.99 -33.76
C ALA A 210 -38.76 13.79 -32.77
N SER A 211 -39.42 12.63 -32.81
CA SER A 211 -40.65 12.40 -32.06
C SER A 211 -40.49 11.48 -30.86
N ILE A 212 -39.26 11.17 -30.46
CA ILE A 212 -39.06 10.30 -29.31
C ILE A 212 -39.50 10.99 -28.04
N VAL A 213 -40.14 10.25 -27.15
CA VAL A 213 -40.67 10.82 -25.91
C VAL A 213 -40.27 10.06 -24.67
N SER A 214 -39.84 8.79 -24.75
CA SER A 214 -39.50 8.01 -23.58
C SER A 214 -38.26 7.18 -23.85
N PHE A 215 -37.50 6.90 -22.79
CA PHE A 215 -36.30 6.10 -22.86
C PHE A 215 -36.35 4.98 -21.82
N LYS A 216 -35.95 3.79 -22.23
CA LYS A 216 -35.86 2.63 -21.34
C LYS A 216 -34.48 2.04 -21.42
N VAL A 217 -33.90 1.72 -20.26
CA VAL A 217 -32.54 1.19 -20.17
C VAL A 217 -32.57 -0.04 -19.28
N GLU A 218 -31.98 -1.13 -19.77
CA GLU A 218 -31.90 -2.35 -18.99
C GLU A 218 -30.89 -2.18 -17.85
N SER A 219 -31.00 -3.06 -16.85
CA SER A 219 -30.15 -2.96 -15.66
C SER A 219 -28.70 -3.28 -15.96
N ASP A 220 -28.41 -4.01 -17.04
CA ASP A 220 -27.03 -4.40 -17.32
C ASP A 220 -26.21 -3.24 -17.86
N VAL A 221 -26.86 -2.20 -18.37
CA VAL A 221 -26.15 -1.05 -18.91
C VAL A 221 -25.55 -0.24 -17.76
N VAL A 222 -24.26 0.05 -17.84
CA VAL A 222 -23.59 0.82 -16.81
C VAL A 222 -23.03 2.15 -17.32
N SER A 223 -22.85 2.33 -18.62
CA SER A 223 -22.26 3.56 -19.15
C SER A 223 -22.75 3.79 -20.56
N LEU A 224 -22.60 5.03 -21.02
CA LEU A 224 -22.90 5.43 -22.38
C LEU A 224 -21.63 5.79 -23.15
N ASP A 225 -20.49 5.24 -22.73
CA ASP A 225 -19.22 5.59 -23.37
C ASP A 225 -19.17 5.10 -24.80
N GLY A 226 -19.77 3.94 -25.07
CA GLY A 226 -19.69 3.31 -26.36
C GLY A 226 -18.72 2.15 -26.45
N HIS A 227 -17.99 1.86 -25.36
CA HIS A 227 -17.08 0.72 -25.36
C HIS A 227 -17.81 -0.61 -25.46
N ASP A 228 -19.11 -0.63 -25.20
CA ASP A 228 -19.93 -1.83 -25.32
C ASP A 228 -20.92 -1.67 -26.47
N PHE A 229 -21.65 -2.75 -26.73
CA PHE A 229 -22.60 -2.81 -27.84
C PHE A 229 -23.97 -2.38 -27.33
N LEU A 230 -24.35 -1.14 -27.61
CA LEU A 230 -25.62 -0.57 -27.16
C LEU A 230 -26.60 -0.53 -28.33
N GLU A 231 -27.71 -1.24 -28.19
CA GLU A 231 -28.74 -1.29 -29.22
C GLU A 231 -30.04 -0.76 -28.62
N THR A 232 -30.73 0.09 -29.37
CA THR A 232 -31.97 0.72 -28.91
C THR A 232 -33.11 0.26 -29.81
N ASP A 233 -33.93 -0.66 -29.29
CA ASP A 233 -35.12 -1.07 -30.02
C ASP A 233 -36.16 0.03 -30.02
N ALA A 234 -36.90 0.14 -31.12
CA ALA A 234 -37.90 1.18 -31.30
C ALA A 234 -39.26 0.53 -31.52
N GLU A 235 -40.28 1.02 -30.81
CA GLU A 235 -41.63 0.52 -30.93
C GLU A 235 -42.60 1.68 -31.04
N ILE A 236 -43.59 1.53 -31.92
CA ILE A 236 -44.60 2.56 -32.13
C ILE A 236 -45.62 2.51 -31.01
N GLY A 237 -45.95 3.69 -30.46
CA GLY A 237 -46.94 3.75 -29.41
C GLY A 237 -48.37 3.66 -29.92
N ASP A 238 -49.29 3.47 -28.98
CA ASP A 238 -50.70 3.40 -29.34
C ASP A 238 -51.20 4.72 -29.90
N ASP A 239 -50.79 5.84 -29.29
CA ASP A 239 -51.22 7.15 -29.77
C ASP A 239 -50.56 7.53 -31.10
N GLY A 240 -49.36 7.01 -31.37
CA GLY A 240 -48.63 7.32 -32.59
C GLY A 240 -47.18 7.70 -32.37
N LYS A 241 -46.78 8.02 -31.14
CA LYS A 241 -45.40 8.35 -30.86
C LYS A 241 -44.54 7.09 -30.84
N LEU A 242 -43.23 7.30 -30.70
CA LEU A 242 -42.26 6.22 -30.78
C LEU A 242 -41.47 6.15 -29.48
N HIS A 243 -41.39 4.94 -28.90
CA HIS A 243 -40.63 4.70 -27.69
C HIS A 243 -39.38 3.88 -28.01
N VAL A 244 -38.33 4.11 -27.24
CA VAL A 244 -37.04 3.46 -27.46
C VAL A 244 -36.57 2.80 -26.16
N THR A 245 -35.96 1.63 -26.31
CA THR A 245 -35.41 0.86 -25.19
C THR A 245 -33.94 0.60 -25.45
N VAL A 246 -33.10 0.96 -24.47
CA VAL A 246 -31.66 0.87 -24.58
C VAL A 246 -31.21 -0.41 -23.88
N ARG A 247 -30.44 -1.25 -24.57
CA ARG A 247 -29.95 -2.47 -23.94
C ARG A 247 -28.58 -2.85 -24.49
N LYS A 248 -27.83 -3.59 -23.67
CA LYS A 248 -26.53 -4.11 -24.07
C LYS A 248 -26.69 -5.42 -24.83
N SER A 249 -25.95 -5.54 -25.93
CA SER A 249 -26.00 -6.75 -26.74
C SER A 249 -25.31 -7.91 -26.03
N LYS A 511 -30.81 17.57 -37.92
CA LYS A 511 -30.34 17.54 -36.54
C LYS A 511 -31.33 18.26 -35.62
N ASN A 512 -32.34 17.53 -35.17
CA ASN A 512 -33.39 18.07 -34.31
C ASN A 512 -33.24 17.50 -32.91
N MET A 513 -33.87 18.18 -31.95
CA MET A 513 -33.79 17.80 -30.55
C MET A 513 -35.17 17.43 -30.01
N PRO A 514 -35.31 16.28 -29.38
CA PRO A 514 -36.53 15.98 -28.61
C PRO A 514 -36.69 16.96 -27.47
N PRO A 515 -37.85 16.99 -26.79
CA PRO A 515 -38.00 17.95 -25.69
C PRO A 515 -37.12 17.59 -24.51
N ALA A 516 -36.74 18.63 -23.76
CA ALA A 516 -35.70 18.49 -22.75
C ALA A 516 -36.08 17.56 -21.61
N SER A 517 -37.37 17.25 -21.44
CA SER A 517 -37.79 16.40 -20.33
C SER A 517 -37.20 15.00 -20.46
N VAL A 518 -37.21 14.44 -21.66
CA VAL A 518 -36.76 13.06 -21.84
C VAL A 518 -35.24 12.96 -21.64
N MET A 519 -34.48 13.94 -22.15
CA MET A 519 -33.05 13.95 -21.86
C MET A 519 -32.79 14.14 -20.38
N THR A 520 -33.58 14.99 -19.71
CA THR A 520 -33.41 15.16 -18.27
C THR A 520 -33.59 13.84 -17.55
N ARG A 521 -34.65 13.10 -17.89
CA ARG A 521 -34.91 11.82 -17.24
C ARG A 521 -33.79 10.81 -17.51
N LEU A 522 -33.38 10.70 -18.78
CA LEU A 522 -32.34 9.74 -19.13
C LEU A 522 -31.01 10.07 -18.44
N ILE A 523 -30.63 11.35 -18.45
CA ILE A 523 -29.38 11.75 -17.81
C ILE A 523 -29.44 11.52 -16.31
N LEU A 524 -30.59 11.81 -15.69
CA LEU A 524 -30.73 11.55 -14.26
C LEU A 524 -30.57 10.07 -13.95
N ILE A 525 -31.18 9.20 -14.77
CA ILE A 525 -31.08 7.77 -14.54
C ILE A 525 -29.63 7.31 -14.67
N MET A 526 -28.94 7.76 -15.71
CA MET A 526 -27.54 7.36 -15.90
C MET A 526 -26.65 7.87 -14.77
N VAL A 527 -26.84 9.12 -14.36
CA VAL A 527 -26.04 9.69 -13.28
C VAL A 527 -26.27 8.92 -11.99
N TRP A 528 -27.52 8.54 -11.70
CA TRP A 528 -27.79 7.74 -10.52
C TRP A 528 -27.12 6.38 -10.61
N ARG A 529 -27.20 5.73 -11.78
CA ARG A 529 -26.63 4.41 -11.94
C ARG A 529 -25.11 4.43 -11.81
N LYS A 530 -24.48 5.55 -12.12
CA LYS A 530 -23.03 5.61 -11.96
C LYS A 530 -22.61 6.11 -10.58
N LEU A 531 -23.41 6.97 -9.93
CA LEU A 531 -23.09 7.37 -8.57
C LEU A 531 -23.31 6.23 -7.58
N ILE A 532 -24.20 5.29 -7.89
CA ILE A 532 -24.44 4.18 -6.98
C ILE A 532 -23.30 3.17 -6.95
N ARG A 533 -22.35 3.29 -7.89
CA ARG A 533 -21.24 2.34 -8.01
C ARG A 533 -19.90 3.06 -8.05
N ASN A 534 -19.70 4.01 -7.14
CA ASN A 534 -18.45 4.77 -7.06
C ASN A 534 -18.07 4.92 -5.59
N PRO A 535 -16.88 4.46 -5.18
CA PRO A 535 -16.51 4.56 -3.76
C PRO A 535 -16.45 5.98 -3.24
N ASN A 536 -16.10 6.94 -4.09
CA ASN A 536 -15.99 8.33 -3.64
C ASN A 536 -17.33 8.89 -3.18
N THR A 537 -18.41 8.53 -3.89
CA THR A 537 -19.73 9.02 -3.49
C THR A 537 -20.13 8.48 -2.11
N TYR A 538 -19.91 7.19 -1.88
CA TYR A 538 -20.21 6.63 -0.56
C TYR A 538 -19.34 7.27 0.52
N SER A 539 -18.05 7.46 0.24
CA SER A 539 -17.18 8.10 1.22
C SER A 539 -17.67 9.50 1.56
N SER A 540 -17.98 10.30 0.55
CA SER A 540 -18.41 11.68 0.78
C SER A 540 -19.73 11.71 1.54
N LEU A 541 -20.70 10.88 1.13
CA LEU A 541 -22.01 10.92 1.76
C LEU A 541 -21.95 10.47 3.21
N ILE A 542 -21.27 9.33 3.47
CA ILE A 542 -21.19 8.83 4.83
C ILE A 542 -20.40 9.79 5.71
N GLY A 543 -19.31 10.36 5.19
CA GLY A 543 -18.55 11.33 5.96
C GLY A 543 -19.35 12.57 6.29
N LEU A 544 -20.12 13.07 5.32
CA LEU A 544 -20.94 14.24 5.57
C LEU A 544 -22.02 13.97 6.61
N ILE A 545 -22.70 12.82 6.50
CA ILE A 545 -23.74 12.49 7.46
C ILE A 545 -23.16 12.32 8.86
N TRP A 546 -22.03 11.61 8.97
CA TRP A 546 -21.40 11.42 10.26
C TRP A 546 -20.93 12.74 10.84
N ALA A 547 -20.35 13.62 10.01
CA ALA A 547 -19.93 14.92 10.51
C ALA A 547 -21.12 15.73 11.01
N LEU A 548 -22.22 15.71 10.27
CA LEU A 548 -23.41 16.45 10.70
C LEU A 548 -23.90 15.95 12.05
N VAL A 549 -24.08 14.64 12.20
CA VAL A 549 -24.62 14.13 13.45
C VAL A 549 -23.63 14.32 14.60
N ALA A 550 -22.34 14.18 14.32
CA ALA A 550 -21.33 14.25 15.38
C ALA A 550 -21.10 15.68 15.85
N PHE A 551 -21.22 16.66 14.97
CA PHE A 551 -21.11 18.06 15.38
C PHE A 551 -22.46 18.64 15.80
N ARG A 552 -23.56 17.90 15.60
CA ARG A 552 -24.85 18.29 16.14
C ARG A 552 -25.03 17.81 17.58
N TRP A 553 -24.71 16.54 17.85
CA TRP A 553 -24.97 15.94 19.16
C TRP A 553 -23.69 15.63 19.93
N HIS A 554 -22.53 16.08 19.44
CA HIS A 554 -21.25 15.88 20.12
C HIS A 554 -20.98 14.41 20.42
N VAL A 555 -21.27 13.55 19.44
CA VAL A 555 -21.09 12.11 19.58
C VAL A 555 -19.67 11.73 19.17
N ALA A 556 -19.02 10.91 19.98
CA ALA A 556 -17.66 10.45 19.72
C ALA A 556 -17.70 9.06 19.12
N MET A 557 -16.91 8.85 18.06
CA MET A 557 -16.88 7.55 17.41
C MET A 557 -16.14 6.54 18.29
N PRO A 558 -16.57 5.27 18.30
CA PRO A 558 -15.86 4.26 19.09
C PRO A 558 -14.41 4.13 18.65
N LYS A 559 -13.54 3.91 19.63
CA LYS A 559 -12.10 3.88 19.37
C LYS A 559 -11.72 2.73 18.45
N ILE A 560 -12.37 1.58 18.61
CA ILE A 560 -12.02 0.41 17.80
C ILE A 560 -12.31 0.66 16.33
N ILE A 561 -13.46 1.27 16.02
CA ILE A 561 -13.78 1.59 14.65
C ILE A 561 -12.83 2.65 14.10
N GLN A 562 -12.45 3.62 14.94
CA GLN A 562 -11.50 4.65 14.52
C GLN A 562 -10.16 4.03 14.14
N GLN A 563 -9.66 3.11 14.96
CA GLN A 563 -8.40 2.45 14.63
C GLN A 563 -8.53 1.56 13.40
N SER A 564 -9.67 0.89 13.25
CA SER A 564 -9.89 0.05 12.07
C SER A 564 -9.86 0.89 10.80
N ILE A 565 -10.44 2.09 10.83
CA ILE A 565 -10.38 2.96 9.67
C ILE A 565 -8.97 3.50 9.46
N SER A 566 -8.31 3.90 10.56
CA SER A 566 -7.01 4.55 10.44
C SER A 566 -5.91 3.60 9.97
N ILE A 567 -6.01 2.30 10.29
CA ILE A 567 -4.94 1.38 9.92
C ILE A 567 -4.80 1.30 8.40
N LEU A 568 -5.88 1.54 7.67
CA LEU A 568 -5.82 1.60 6.22
C LEU A 568 -5.81 3.03 5.67
N SER A 569 -6.24 4.00 6.48
CA SER A 569 -6.17 5.40 6.05
C SER A 569 -4.76 5.94 6.11
N ASP A 570 -3.91 5.41 7.00
CA ASP A 570 -2.55 5.90 7.14
C ASP A 570 -1.70 5.69 5.89
N ALA A 571 -2.12 4.79 5.01
CA ALA A 571 -1.37 4.53 3.78
C ALA A 571 -1.82 5.40 2.62
N GLY A 572 -2.77 6.32 2.84
CA GLY A 572 -3.35 7.04 1.71
C GLY A 572 -2.38 7.93 0.97
N LEU A 573 -1.65 8.78 1.71
CA LEU A 573 -0.81 9.78 1.06
C LEU A 573 0.38 9.14 0.36
N GLY A 574 1.10 8.27 1.07
CA GLY A 574 2.25 7.62 0.47
C GLY A 574 1.88 6.76 -0.73
N MET A 575 0.79 6.02 -0.62
CA MET A 575 0.35 5.20 -1.74
C MET A 575 -0.16 6.04 -2.90
N ALA A 576 -0.80 7.18 -2.62
CA ALA A 576 -1.22 8.07 -3.70
C ALA A 576 -0.01 8.59 -4.47
N MET A 577 1.01 9.04 -3.75
CA MET A 577 2.21 9.53 -4.44
C MET A 577 2.93 8.41 -5.17
N PHE A 578 2.96 7.21 -4.57
CA PHE A 578 3.57 6.06 -5.24
C PHE A 578 2.83 5.70 -6.52
N SER A 579 1.51 5.73 -6.50
CA SER A 579 0.72 5.45 -7.70
C SER A 579 0.92 6.53 -8.75
N LEU A 580 1.06 7.78 -8.33
CA LEU A 580 1.36 8.84 -9.29
C LEU A 580 2.72 8.61 -9.94
N GLY A 581 3.71 8.17 -9.17
CA GLY A 581 4.99 7.79 -9.75
C GLY A 581 4.88 6.63 -10.71
N LEU A 582 4.04 5.65 -10.38
CA LEU A 582 3.81 4.53 -11.29
C LEU A 582 3.21 5.00 -12.60
N PHE A 583 2.23 5.91 -12.53
CA PHE A 583 1.63 6.47 -13.74
C PHE A 583 2.67 7.24 -14.56
N MET A 584 3.53 8.00 -13.88
CA MET A 584 4.61 8.70 -14.57
C MET A 584 5.53 7.73 -15.29
N ALA A 585 5.88 6.62 -14.63
CA ALA A 585 6.83 5.69 -15.23
C ALA A 585 6.21 4.86 -16.34
N LEU A 586 4.91 4.62 -16.29
CA LEU A 586 4.27 3.78 -17.31
C LEU A 586 4.08 4.50 -18.64
N GLN A 587 4.13 5.84 -18.66
CA GLN A 587 3.93 6.57 -19.89
C GLN A 587 5.14 6.39 -20.82
N PRO A 588 4.91 6.37 -22.14
CA PRO A 588 6.05 6.23 -23.06
C PRO A 588 6.98 7.42 -23.07
N LYS A 589 6.47 8.63 -22.85
CA LYS A 589 7.31 9.81 -22.81
C LYS A 589 6.63 10.86 -21.94
N LEU A 590 7.44 11.71 -21.31
CA LEU A 590 6.93 12.61 -20.28
C LEU A 590 5.89 13.58 -20.83
N ILE A 591 6.15 14.17 -22.00
CA ILE A 591 5.22 15.10 -22.64
C ILE A 591 4.46 14.33 -23.72
N ALA A 592 3.14 14.37 -23.66
CA ALA A 592 2.31 13.55 -24.53
C ALA A 592 1.79 14.29 -25.75
N CYS A 593 1.17 15.45 -25.55
CA CYS A 593 0.48 16.13 -26.66
C CYS A 593 1.46 16.76 -27.64
N GLY A 594 2.50 17.40 -27.15
CA GLY A 594 3.44 18.13 -27.98
C GLY A 594 3.74 19.51 -27.41
N ASN A 595 4.75 20.14 -28.01
CA ASN A 595 5.31 21.36 -27.44
C ASN A 595 4.26 22.47 -27.33
N SER A 596 3.58 22.77 -28.44
CA SER A 596 2.63 23.88 -28.43
C SER A 596 1.42 23.56 -27.56
N VAL A 597 0.87 22.35 -27.68
CA VAL A 597 -0.29 21.99 -26.87
C VAL A 597 0.08 21.93 -25.40
N ALA A 598 1.24 21.38 -25.08
CA ALA A 598 1.66 21.31 -23.67
C ALA A 598 1.88 22.70 -23.09
N THR A 599 2.53 23.60 -23.84
CA THR A 599 2.76 24.93 -23.29
C THR A 599 1.43 25.68 -23.14
N PHE A 600 0.49 25.47 -24.07
CA PHE A 600 -0.83 26.10 -23.93
C PHE A 600 -1.55 25.58 -22.68
N ALA A 601 -1.54 24.26 -22.47
CA ALA A 601 -2.21 23.69 -21.31
C ALA A 601 -1.57 24.17 -20.01
N MET A 602 -0.23 24.17 -19.96
CA MET A 602 0.46 24.61 -18.75
C MET A 602 0.19 26.08 -18.48
N ALA A 603 0.19 26.91 -19.53
CA ALA A 603 -0.09 28.33 -19.37
C ALA A 603 -1.51 28.55 -18.86
N VAL A 604 -2.48 27.81 -19.41
CA VAL A 604 -3.85 27.92 -18.93
C VAL A 604 -3.92 27.57 -17.45
N ARG A 605 -3.39 26.41 -17.09
CA ARG A 605 -3.44 25.92 -15.72
C ARG A 605 -2.82 26.90 -14.73
N PHE A 606 -1.64 27.45 -15.06
CA PHE A 606 -0.90 28.24 -14.09
C PHE A 606 -1.07 29.75 -14.26
N LEU A 607 -1.86 30.20 -15.24
CA LEU A 607 -2.15 31.63 -15.37
C LEU A 607 -3.64 31.94 -15.28
N THR A 608 -4.48 31.27 -16.07
CA THR A 608 -5.88 31.64 -16.14
C THR A 608 -6.59 31.40 -14.82
N GLY A 609 -6.30 30.28 -14.16
CA GLY A 609 -6.88 29.95 -12.89
C GLY A 609 -6.60 31.00 -11.82
N PRO A 610 -5.31 31.32 -11.62
CA PRO A 610 -5.00 32.43 -10.70
C PRO A 610 -5.61 33.76 -11.12
N ALA A 611 -5.68 34.04 -12.42
CA ALA A 611 -6.24 35.31 -12.87
C ALA A 611 -7.73 35.42 -12.54
N VAL A 612 -8.51 34.40 -12.89
CA VAL A 612 -9.94 34.43 -12.59
C VAL A 612 -10.17 34.37 -11.08
N MET A 613 -9.32 33.63 -10.35
CA MET A 613 -9.41 33.64 -8.90
C MET A 613 -9.22 35.06 -8.34
N ALA A 614 -8.21 35.78 -8.82
CA ALA A 614 -8.00 37.14 -8.36
C ALA A 614 -9.18 38.03 -8.72
N VAL A 615 -9.66 37.93 -9.96
CA VAL A 615 -10.78 38.77 -10.38
C VAL A 615 -11.98 38.55 -9.47
N ALA A 616 -12.35 37.28 -9.26
CA ALA A 616 -13.51 36.97 -8.43
C ALA A 616 -13.28 37.37 -6.98
N ALA A 617 -12.07 37.18 -6.46
CA ALA A 617 -11.82 37.44 -5.05
C ALA A 617 -11.84 38.92 -4.72
N ILE A 618 -11.17 39.75 -5.52
CA ILE A 618 -11.29 41.19 -5.30
C ILE A 618 -12.70 41.68 -5.66
N ALA A 619 -13.41 40.98 -6.56
CA ALA A 619 -14.78 41.36 -6.85
C ALA A 619 -15.67 41.19 -5.62
N ILE A 620 -15.60 40.02 -4.97
CA ILE A 620 -16.39 39.80 -3.77
C ILE A 620 -15.85 40.63 -2.62
N GLY A 621 -14.53 40.71 -2.48
CA GLY A 621 -13.95 41.47 -1.40
C GLY A 621 -13.04 40.67 -0.49
N LEU A 622 -12.45 39.58 -1.01
CA LEU A 622 -11.48 38.82 -0.23
C LEU A 622 -10.22 39.65 -0.03
N ARG A 623 -9.74 39.70 1.21
CA ARG A 623 -8.57 40.49 1.57
C ARG A 623 -7.69 39.70 2.52
N GLY A 624 -6.42 40.09 2.59
CA GLY A 624 -5.49 39.45 3.50
C GLY A 624 -5.06 38.08 3.01
N ASP A 625 -4.48 37.30 3.93
CA ASP A 625 -3.94 35.98 3.59
C ASP A 625 -4.95 35.09 2.89
N LEU A 626 -6.24 35.19 3.27
CA LEU A 626 -7.26 34.40 2.59
C LEU A 626 -7.17 34.57 1.09
N LEU A 627 -7.12 35.82 0.62
CA LEU A 627 -6.96 36.07 -0.81
C LEU A 627 -5.77 35.31 -1.36
N ARG A 628 -4.60 35.46 -0.72
CA ARG A 628 -3.41 34.76 -1.18
C ARG A 628 -3.67 33.26 -1.25
N VAL A 629 -4.34 32.71 -0.22
CA VAL A 629 -4.61 31.27 -0.22
C VAL A 629 -5.34 30.88 -1.49
N ALA A 630 -6.38 31.63 -1.84
CA ALA A 630 -7.13 31.33 -3.05
C ALA A 630 -6.20 31.25 -4.26
N ILE A 631 -5.35 32.26 -4.41
CA ILE A 631 -4.44 32.28 -5.55
C ILE A 631 -3.53 31.06 -5.52
N VAL A 632 -2.98 30.75 -4.34
CA VAL A 632 -2.10 29.60 -4.24
C VAL A 632 -2.88 28.32 -4.50
N GLN A 633 -4.16 28.30 -4.12
CA GLN A 633 -4.98 27.14 -4.42
C GLN A 633 -5.21 27.00 -5.91
N ALA A 634 -5.27 28.13 -6.63
CA ALA A 634 -5.53 28.09 -8.07
C ALA A 634 -4.33 27.61 -8.86
N ALA A 635 -3.11 27.75 -8.32
CA ALA A 635 -1.90 27.39 -9.03
C ALA A 635 -1.46 25.95 -8.76
N LEU A 636 -2.25 25.18 -8.02
CA LEU A 636 -1.90 23.80 -7.74
C LEU A 636 -1.98 22.94 -8.99
N PRO A 637 -1.30 21.79 -9.01
CA PRO A 637 -1.45 20.88 -10.15
C PRO A 637 -2.88 20.36 -10.26
N GLN A 638 -3.26 20.06 -11.50
CA GLN A 638 -4.63 19.69 -11.81
C GLN A 638 -4.96 18.32 -11.22
N GLY A 639 -6.22 18.14 -10.84
CA GLY A 639 -6.63 17.01 -10.03
C GLY A 639 -6.62 15.68 -10.77
N ILE A 640 -6.79 14.61 -9.99
CA ILE A 640 -6.74 13.25 -10.52
C ILE A 640 -8.12 12.78 -10.98
N VAL A 641 -9.18 13.16 -10.26
CA VAL A 641 -10.52 12.71 -10.63
C VAL A 641 -10.94 13.17 -12.02
N PRO A 642 -10.77 14.44 -12.40
CA PRO A 642 -11.06 14.80 -13.80
C PRO A 642 -10.21 14.05 -14.80
N PHE A 643 -8.96 13.73 -14.44
CA PHE A 643 -8.11 12.96 -15.34
C PHE A 643 -8.68 11.56 -15.56
N VAL A 644 -9.17 10.92 -14.49
CA VAL A 644 -9.81 9.62 -14.60
C VAL A 644 -11.08 9.73 -15.44
N PHE A 645 -11.85 10.80 -15.25
CA PHE A 645 -13.06 10.99 -16.04
C PHE A 645 -12.71 11.12 -17.52
N ALA A 646 -11.68 11.89 -17.84
CA ALA A 646 -11.25 12.07 -19.22
C ALA A 646 -10.75 10.76 -19.81
N LYS A 647 -10.08 9.94 -19.01
CA LYS A 647 -9.65 8.63 -19.49
C LYS A 647 -10.85 7.75 -19.83
N GLU A 648 -11.84 7.68 -18.92
CA GLU A 648 -12.94 6.74 -19.16
C GLU A 648 -13.84 7.21 -20.30
N TYR A 649 -14.08 8.52 -20.42
CA TYR A 649 -14.87 9.03 -21.54
C TYR A 649 -14.03 9.41 -22.76
N ASN A 650 -12.70 9.33 -22.66
CA ASN A 650 -11.80 9.59 -23.80
C ASN A 650 -12.09 10.95 -24.41
N VAL A 651 -11.99 12.00 -23.60
CA VAL A 651 -12.16 13.38 -24.04
C VAL A 651 -10.84 14.09 -23.72
N HIS A 652 -9.95 14.16 -24.70
CA HIS A 652 -8.63 14.76 -24.54
C HIS A 652 -7.89 14.20 -23.32
N PRO A 653 -7.59 12.90 -23.30
CA PRO A 653 -6.92 12.33 -22.12
C PRO A 653 -5.45 12.69 -22.05
N ALA A 654 -4.82 12.88 -23.21
CA ALA A 654 -3.40 13.22 -23.24
C ALA A 654 -3.13 14.57 -22.62
N ILE A 655 -3.99 15.56 -22.88
CA ILE A 655 -3.79 16.89 -22.31
C ILE A 655 -3.93 16.85 -20.80
N LEU A 656 -4.92 16.11 -20.29
CA LEU A 656 -5.10 16.00 -18.85
C LEU A 656 -3.95 15.24 -18.20
N SER A 657 -3.43 14.21 -18.89
CA SER A 657 -2.28 13.48 -18.37
C SER A 657 -1.04 14.37 -18.31
N THR A 658 -0.79 15.14 -19.36
CA THR A 658 0.29 16.12 -19.34
C THR A 658 0.09 17.09 -18.19
N GLY A 659 -1.13 17.60 -18.04
CA GLY A 659 -1.48 18.46 -16.92
C GLY A 659 -1.06 17.88 -15.60
N VAL A 660 -1.60 16.70 -15.24
CA VAL A 660 -1.34 16.15 -13.91
C VAL A 660 0.15 15.91 -13.70
N ILE A 661 0.79 15.24 -14.66
CA ILE A 661 2.17 14.80 -14.44
C ILE A 661 3.12 15.99 -14.45
N PHE A 662 3.11 16.78 -15.52
CA PHE A 662 4.03 17.91 -15.60
C PHE A 662 3.73 18.96 -14.55
N GLY A 663 2.46 19.14 -14.17
CA GLY A 663 2.15 20.05 -13.09
C GLY A 663 2.69 19.57 -11.76
N MET A 664 2.59 18.27 -11.49
CA MET A 664 3.21 17.73 -10.28
C MET A 664 4.72 17.96 -10.32
N LEU A 665 5.33 17.85 -11.49
CA LEU A 665 6.77 18.03 -11.61
C LEU A 665 7.17 19.48 -11.36
N ILE A 666 6.48 20.44 -11.99
CA ILE A 666 6.93 21.82 -12.00
C ILE A 666 6.08 22.71 -11.09
N ALA A 667 5.28 22.13 -10.19
CA ALA A 667 4.50 22.95 -9.29
C ALA A 667 5.36 23.58 -8.21
N LEU A 668 6.43 22.91 -7.78
CA LEU A 668 7.29 23.47 -6.76
C LEU A 668 7.88 24.82 -7.17
N PRO A 669 8.53 24.97 -8.32
CA PRO A 669 9.02 26.32 -8.69
C PRO A 669 7.90 27.34 -8.87
N ILE A 670 6.80 26.95 -9.51
CA ILE A 670 5.73 27.90 -9.79
C ILE A 670 5.03 28.32 -8.51
N THR A 671 4.70 27.36 -7.65
CA THR A 671 4.03 27.68 -6.40
C THR A 671 4.95 28.47 -5.48
N LEU A 672 6.25 28.13 -5.46
CA LEU A 672 7.20 28.91 -4.69
C LEU A 672 7.30 30.35 -5.20
N VAL A 673 7.30 30.53 -6.52
CA VAL A 673 7.32 31.88 -7.09
C VAL A 673 6.07 32.65 -6.69
N TYR A 674 4.91 32.00 -6.75
CA TYR A 674 3.68 32.65 -6.31
C TYR A 674 3.76 33.04 -4.84
N TYR A 675 4.29 32.16 -4.00
CA TYR A 675 4.43 32.45 -2.58
C TYR A 675 5.36 33.63 -2.35
N ILE A 676 6.46 33.71 -3.10
CA ILE A 676 7.42 34.80 -2.93
C ILE A 676 6.81 36.13 -3.38
N LEU A 677 6.18 36.14 -4.56
CA LEU A 677 5.60 37.39 -5.06
C LEU A 677 4.46 37.88 -4.18
N LEU A 678 3.60 36.96 -3.72
CA LEU A 678 2.55 37.37 -2.79
C LEU A 678 3.10 37.68 -1.40
N GLY A 679 4.35 37.33 -1.12
CA GLY A 679 4.99 37.62 0.15
C GLY A 679 5.62 38.98 0.26
N LEU A 680 5.53 39.81 -0.78
CA LEU A 680 6.10 41.15 -0.75
C LEU A 680 5.01 42.20 -0.57
N SER B 43 -10.53 -9.22 34.79
CA SER B 43 -11.42 -8.10 34.50
C SER B 43 -11.91 -8.15 33.07
N TRP B 44 -12.52 -7.04 32.62
CA TRP B 44 -13.03 -6.93 31.26
C TRP B 44 -12.53 -5.71 30.52
N HIS B 45 -12.16 -4.63 31.22
CA HIS B 45 -11.63 -3.45 30.55
C HIS B 45 -10.30 -3.75 29.87
N ASP B 46 -9.43 -4.51 30.54
CA ASP B 46 -8.17 -4.91 29.91
C ASP B 46 -8.43 -5.78 28.69
N LEU B 47 -9.42 -6.66 28.77
CA LEU B 47 -9.80 -7.44 27.61
C LEU B 47 -10.27 -6.54 26.48
N TYR B 48 -11.03 -5.49 26.81
CA TYR B 48 -11.48 -4.56 25.77
C TYR B 48 -10.30 -3.83 25.15
N THR B 49 -9.31 -3.46 25.95
CA THR B 49 -8.12 -2.79 25.41
C THR B 49 -7.35 -3.71 24.47
N VAL B 50 -7.18 -4.98 24.87
CA VAL B 50 -6.49 -5.94 24.01
C VAL B 50 -7.26 -6.14 22.70
N LEU B 51 -8.59 -6.25 22.80
CA LEU B 51 -9.40 -6.39 21.60
C LEU B 51 -9.29 -5.16 20.71
N THR B 52 -9.29 -3.96 21.31
CA THR B 52 -9.12 -2.75 20.53
C THR B 52 -7.79 -2.75 19.80
N ALA B 53 -6.74 -3.24 20.46
CA ALA B 53 -5.43 -3.30 19.80
C ALA B 53 -5.41 -4.31 18.65
N VAL B 54 -6.08 -5.46 18.83
CA VAL B 54 -5.89 -6.57 17.90
C VAL B 54 -6.91 -6.65 16.77
N ILE B 55 -8.14 -6.17 16.97
CA ILE B 55 -9.18 -6.32 15.94
C ILE B 55 -8.84 -5.61 14.63
N PRO B 56 -8.32 -4.38 14.60
CA PRO B 56 -8.07 -3.74 13.30
C PRO B 56 -7.20 -4.56 12.36
N LEU B 57 -6.22 -5.29 12.90
CA LEU B 57 -5.43 -6.19 12.06
C LEU B 57 -6.33 -7.24 11.39
N TYR B 58 -7.24 -7.82 12.16
CA TYR B 58 -8.17 -8.80 11.60
C TYR B 58 -9.15 -8.16 10.64
N VAL B 59 -9.53 -6.90 10.87
CA VAL B 59 -10.41 -6.19 9.95
C VAL B 59 -9.73 -6.04 8.59
N ALA B 60 -8.46 -5.63 8.60
CA ALA B 60 -7.71 -5.55 7.34
C ALA B 60 -7.57 -6.91 6.68
N MET B 61 -7.28 -7.95 7.47
CA MET B 61 -7.12 -9.29 6.92
C MET B 61 -8.42 -9.78 6.27
N ILE B 62 -9.55 -9.57 6.95
CA ILE B 62 -10.84 -9.99 6.43
C ILE B 62 -11.24 -9.17 5.21
N LEU B 63 -10.89 -7.87 5.20
CA LEU B 63 -11.16 -7.05 4.03
C LEU B 63 -10.43 -7.58 2.81
N ALA B 64 -9.15 -7.92 2.96
CA ALA B 64 -8.40 -8.50 1.85
C ALA B 64 -9.00 -9.85 1.43
N TYR B 65 -9.34 -10.69 2.41
CA TYR B 65 -9.89 -12.01 2.12
C TYR B 65 -11.19 -11.90 1.34
N GLY B 66 -12.07 -10.98 1.75
CA GLY B 66 -13.32 -10.78 1.03
C GLY B 66 -13.10 -10.16 -0.35
N SER B 67 -12.16 -9.23 -0.45
CA SER B 67 -11.88 -8.60 -1.74
C SER B 67 -11.41 -9.62 -2.76
N VAL B 68 -10.64 -10.62 -2.33
CA VAL B 68 -10.20 -11.64 -3.29
C VAL B 68 -11.22 -12.77 -3.48
N ARG B 69 -11.91 -13.19 -2.41
CA ARG B 69 -12.74 -14.37 -2.44
C ARG B 69 -14.22 -14.07 -2.69
N TRP B 70 -14.79 -13.09 -1.97
CA TRP B 70 -16.22 -12.83 -2.06
C TRP B 70 -16.55 -11.84 -3.16
N TRP B 71 -15.99 -10.63 -3.09
CA TRP B 71 -16.34 -9.56 -4.02
C TRP B 71 -15.54 -9.60 -5.32
N LYS B 72 -14.46 -10.38 -5.37
CA LYS B 72 -13.69 -10.60 -6.61
C LYS B 72 -13.20 -9.27 -7.18
N ILE B 73 -12.34 -8.59 -6.42
CA ILE B 73 -11.80 -7.30 -6.82
C ILE B 73 -10.42 -7.43 -7.46
N PHE B 74 -9.54 -8.21 -6.86
CA PHE B 74 -8.14 -8.28 -7.26
C PHE B 74 -7.85 -9.59 -7.98
N SER B 75 -7.10 -9.50 -9.08
CA SER B 75 -6.60 -10.66 -9.78
C SER B 75 -5.41 -11.27 -9.03
N PRO B 76 -5.12 -12.56 -9.26
CA PRO B 76 -3.98 -13.17 -8.57
C PRO B 76 -2.65 -12.46 -8.80
N ASP B 77 -2.40 -11.98 -10.02
CA ASP B 77 -1.13 -11.30 -10.28
C ASP B 77 -1.12 -9.89 -9.71
N GLN B 78 -2.28 -9.23 -9.64
CA GLN B 78 -2.37 -7.97 -8.91
C GLN B 78 -2.06 -8.17 -7.43
N CYS B 79 -2.58 -9.27 -6.86
CA CYS B 79 -2.24 -9.59 -5.47
C CYS B 79 -0.76 -9.88 -5.33
N SER B 80 -0.16 -10.54 -6.32
CA SER B 80 1.28 -10.77 -6.29
C SER B 80 2.05 -9.47 -6.31
N GLY B 81 1.59 -8.50 -7.11
CA GLY B 81 2.24 -7.19 -7.13
C GLY B 81 2.12 -6.46 -5.81
N ILE B 82 0.95 -6.54 -5.18
CA ILE B 82 0.78 -5.92 -3.86
C ILE B 82 1.71 -6.58 -2.84
N ASN B 83 1.80 -7.91 -2.87
CA ASN B 83 2.69 -8.63 -1.96
C ASN B 83 4.14 -8.26 -2.20
N ARG B 84 4.54 -8.13 -3.47
CA ARG B 84 5.89 -7.74 -3.79
C ARG B 84 6.20 -6.35 -3.27
N PHE B 85 5.27 -5.40 -3.45
CA PHE B 85 5.48 -4.06 -2.91
C PHE B 85 5.64 -4.11 -1.40
N VAL B 86 4.76 -4.87 -0.73
CA VAL B 86 4.81 -4.94 0.73
C VAL B 86 6.17 -5.46 1.17
N ALA B 87 6.59 -6.60 0.62
CA ALA B 87 7.84 -7.23 1.04
C ALA B 87 9.05 -6.35 0.73
N ILE B 88 9.05 -5.67 -0.41
CA ILE B 88 10.20 -4.88 -0.80
C ILE B 88 10.30 -3.59 0.01
N PHE B 89 9.17 -2.91 0.25
CA PHE B 89 9.20 -1.56 0.80
C PHE B 89 8.67 -1.46 2.23
N ALA B 90 7.48 -1.99 2.50
CA ALA B 90 6.80 -1.63 3.74
C ALA B 90 7.39 -2.36 4.94
N VAL B 91 7.79 -3.61 4.77
CA VAL B 91 8.35 -4.39 5.87
C VAL B 91 9.78 -3.93 6.17
N PRO B 92 10.67 -3.79 5.18
CA PRO B 92 12.02 -3.29 5.50
C PRO B 92 12.02 -1.92 6.15
N LEU B 93 11.14 -1.02 5.73
CA LEU B 93 11.11 0.31 6.31
C LEU B 93 10.55 0.29 7.73
N LEU B 94 9.54 -0.55 7.98
CA LEU B 94 9.05 -0.71 9.34
C LEU B 94 10.13 -1.29 10.25
N SER B 95 10.86 -2.29 9.77
CA SER B 95 11.95 -2.86 10.55
C SER B 95 13.04 -1.83 10.82
N PHE B 96 13.38 -1.03 9.82
CA PHE B 96 14.38 0.02 10.01
C PHE B 96 13.91 1.04 11.04
N HIS B 97 12.64 1.45 10.97
CA HIS B 97 12.11 2.41 11.92
C HIS B 97 12.13 1.85 13.34
N PHE B 98 11.81 0.57 13.50
CA PHE B 98 11.82 -0.03 14.82
C PHE B 98 13.24 -0.19 15.36
N ILE B 99 14.17 -0.63 14.52
CA ILE B 99 15.53 -0.89 14.99
C ILE B 99 16.27 0.42 15.29
N SER B 100 16.14 1.41 14.42
CA SER B 100 16.88 2.66 14.59
C SER B 100 16.43 3.46 15.80
N THR B 101 15.28 3.12 16.40
CA THR B 101 14.82 3.77 17.61
C THR B 101 15.24 3.03 18.87
N ASN B 102 15.52 1.73 18.77
CA ASN B 102 15.93 0.95 19.92
C ASN B 102 17.31 1.38 20.41
N ASN B 103 17.51 1.28 21.71
CA ASN B 103 18.80 1.63 22.33
C ASN B 103 19.61 0.36 22.53
N PRO B 104 20.71 0.16 21.81
CA PRO B 104 21.49 -1.07 21.98
C PRO B 104 22.35 -1.10 23.23
N TYR B 105 22.40 -0.02 24.00
CA TYR B 105 23.17 0.05 25.23
C TYR B 105 22.31 -0.19 26.47
N ALA B 106 21.02 -0.51 26.30
CA ALA B 106 20.12 -0.73 27.43
C ALA B 106 19.35 -2.03 27.27
N MET B 107 19.95 -3.02 26.59
CA MET B 107 19.28 -4.29 26.39
C MET B 107 19.20 -5.08 27.69
N ASN B 108 18.14 -5.89 27.80
CA ASN B 108 17.95 -6.76 28.95
C ASN B 108 18.68 -8.07 28.67
N LEU B 109 19.78 -8.30 29.40
CA LEU B 109 20.63 -9.46 29.11
C LEU B 109 19.92 -10.77 29.43
N ARG B 110 19.14 -10.81 30.51
CA ARG B 110 18.54 -12.07 30.95
C ARG B 110 17.44 -12.54 30.00
N PHE B 111 16.68 -11.59 29.44
CA PHE B 111 15.65 -11.97 28.47
C PHE B 111 16.26 -12.59 27.22
N ILE B 112 17.33 -11.98 26.71
CA ILE B 112 18.03 -12.54 25.56
C ILE B 112 18.65 -13.89 25.91
N ALA B 113 19.15 -14.01 27.14
CA ALA B 113 19.72 -15.28 27.58
C ALA B 113 18.67 -16.39 27.59
N ALA B 114 17.46 -16.09 28.07
CA ALA B 114 16.40 -17.10 28.06
C ALA B 114 15.97 -17.45 26.64
N ASP B 115 15.83 -16.43 25.78
CA ASP B 115 15.44 -16.69 24.41
C ASP B 115 16.47 -17.53 23.66
N THR B 116 17.76 -17.31 23.95
CA THR B 116 18.81 -18.13 23.36
C THR B 116 18.87 -19.52 23.97
N LEU B 117 18.60 -19.62 25.27
CA LEU B 117 18.67 -20.91 25.96
C LEU B 117 17.59 -21.85 25.46
N GLN B 118 16.38 -21.35 25.19
CA GLN B 118 15.35 -22.23 24.67
C GLN B 118 15.76 -22.79 23.30
N LYS B 119 16.39 -21.95 22.47
CA LYS B 119 16.78 -22.41 21.14
C LYS B 119 17.95 -23.38 21.23
N ILE B 120 18.86 -23.18 22.19
CA ILE B 120 19.93 -24.15 22.40
C ILE B 120 19.36 -25.48 22.86
N ILE B 121 18.35 -25.44 23.73
CA ILE B 121 17.69 -26.67 24.18
C ILE B 121 17.05 -27.39 23.00
N MET B 122 16.35 -26.64 22.15
CA MET B 122 15.71 -27.24 20.99
C MET B 122 16.72 -27.85 20.04
N LEU B 123 17.83 -27.15 19.78
CA LEU B 123 18.86 -27.69 18.90
C LEU B 123 19.51 -28.93 19.49
N SER B 124 19.74 -28.94 20.80
CA SER B 124 20.29 -30.13 21.45
C SER B 124 19.35 -31.32 21.31
N LEU B 125 18.05 -31.09 21.57
CA LEU B 125 17.09 -32.17 21.43
C LEU B 125 17.05 -32.69 19.99
N LEU B 126 17.07 -31.79 19.01
CA LEU B 126 17.05 -32.21 17.62
C LEU B 126 18.30 -32.98 17.24
N VAL B 127 19.47 -32.56 17.74
CA VAL B 127 20.71 -33.26 17.43
C VAL B 127 20.69 -34.67 18.02
N LEU B 128 20.28 -34.79 19.28
CA LEU B 128 20.20 -36.11 19.90
C LEU B 128 19.19 -37.00 19.18
N TRP B 129 18.06 -36.43 18.74
CA TRP B 129 17.07 -37.22 18.04
C TRP B 129 17.56 -37.67 16.67
N ALA B 130 18.23 -36.80 15.94
CA ALA B 130 18.65 -37.12 14.58
C ALA B 130 19.83 -38.08 14.56
N ASN B 131 20.84 -37.83 15.40
CA ASN B 131 22.07 -38.62 15.32
C ASN B 131 21.91 -40.01 15.91
N PHE B 132 21.03 -40.18 16.89
CA PHE B 132 20.91 -41.44 17.63
C PHE B 132 19.54 -42.10 17.44
N THR B 133 18.90 -41.86 16.30
CA THR B 133 17.66 -42.53 15.96
C THR B 133 17.53 -42.58 14.44
N ARG B 134 17.04 -43.71 13.93
CA ARG B 134 16.91 -43.88 12.49
C ARG B 134 15.83 -43.00 11.88
N SER B 135 14.87 -42.54 12.67
CA SER B 135 13.80 -41.69 12.17
C SER B 135 14.20 -40.22 12.04
N GLY B 136 15.36 -39.84 12.55
CA GLY B 136 15.76 -38.45 12.48
C GLY B 136 16.09 -38.01 11.06
N SER B 137 15.91 -36.71 10.82
CA SER B 137 16.22 -36.13 9.52
C SER B 137 16.56 -34.66 9.71
N LEU B 138 17.28 -34.11 8.73
CA LEU B 138 17.66 -32.70 8.80
C LEU B 138 16.46 -31.80 8.49
N GLU B 139 15.65 -32.16 7.49
CA GLU B 139 14.50 -31.35 7.14
C GLU B 139 13.49 -31.28 8.28
N TRP B 140 13.23 -32.42 8.93
CA TRP B 140 12.31 -32.42 10.06
C TRP B 140 12.86 -31.58 11.20
N SER B 141 14.16 -31.65 11.45
CA SER B 141 14.77 -30.83 12.50
C SER B 141 14.61 -29.35 12.20
N ILE B 142 14.85 -28.95 10.95
CA ILE B 142 14.71 -27.55 10.57
C ILE B 142 13.28 -27.08 10.73
N THR B 143 12.32 -27.91 10.27
CA THR B 143 10.92 -27.53 10.37
C THR B 143 10.48 -27.41 11.82
N ILE B 144 10.89 -28.36 12.67
CA ILE B 144 10.51 -28.31 14.09
C ILE B 144 11.12 -27.08 14.76
N PHE B 145 12.39 -26.78 14.46
CA PHE B 145 13.02 -25.60 15.03
C PHE B 145 12.27 -24.33 14.62
N SER B 146 11.92 -24.23 13.33
CA SER B 146 11.19 -23.07 12.84
C SER B 146 9.82 -22.94 13.52
N LEU B 147 9.11 -24.07 13.65
CA LEU B 147 7.78 -24.01 14.28
C LEU B 147 7.87 -23.62 15.74
N SER B 148 8.84 -24.17 16.47
CA SER B 148 8.85 -24.04 17.92
C SER B 148 9.65 -22.85 18.44
N THR B 149 10.41 -22.15 17.59
CA THR B 149 11.27 -21.10 18.10
C THR B 149 11.15 -19.74 17.43
N LEU B 150 10.33 -19.60 16.38
CA LEU B 150 10.29 -18.37 15.58
C LEU B 150 8.87 -17.88 15.41
N PRO B 151 8.34 -17.12 16.37
CA PRO B 151 7.00 -16.56 16.25
C PRO B 151 7.00 -15.24 15.48
N ASN B 152 5.82 -14.68 15.29
CA ASN B 152 5.69 -13.41 14.59
C ASN B 152 5.71 -12.33 15.66
N THR B 153 6.81 -11.62 15.73
CA THR B 153 7.01 -10.58 16.74
C THR B 153 6.89 -9.17 16.16
N LEU B 154 7.23 -9.00 14.88
CA LEU B 154 7.26 -7.66 14.30
C LEU B 154 5.85 -7.13 14.05
N VAL B 155 5.07 -7.82 13.21
CA VAL B 155 3.78 -7.29 12.79
C VAL B 155 2.78 -7.34 13.94
N MET B 156 2.68 -8.47 14.62
CA MET B 156 1.65 -8.69 15.63
C MET B 156 2.17 -8.61 17.06
N GLY B 157 3.40 -9.06 17.31
CA GLY B 157 3.88 -9.14 18.67
C GLY B 157 3.95 -7.79 19.37
N ILE B 158 4.46 -6.77 18.68
CA ILE B 158 4.66 -5.47 19.33
C ILE B 158 3.34 -4.85 19.76
N PRO B 159 2.32 -4.71 18.90
CA PRO B 159 1.06 -4.09 19.39
C PRO B 159 0.36 -4.91 20.46
N LEU B 160 0.29 -6.23 20.28
CA LEU B 160 -0.40 -7.08 21.25
C LEU B 160 0.28 -7.02 22.61
N LEU B 161 1.60 -7.13 22.63
CA LEU B 161 2.32 -7.09 23.91
C LEU B 161 2.31 -5.70 24.54
N ILE B 162 2.33 -4.64 23.72
CA ILE B 162 2.20 -3.29 24.26
C ILE B 162 0.85 -3.12 24.94
N ALA B 163 -0.22 -3.61 24.30
CA ALA B 163 -1.54 -3.52 24.90
C ALA B 163 -1.63 -4.37 26.17
N MET B 164 -1.00 -5.54 26.16
CA MET B 164 -1.14 -6.45 27.30
C MET B 164 -0.35 -5.96 28.51
N TYR B 165 0.89 -5.51 28.32
CA TYR B 165 1.76 -5.22 29.45
C TYR B 165 2.36 -3.82 29.47
N GLY B 166 2.54 -3.17 28.32
CA GLY B 166 3.07 -1.82 28.29
C GLY B 166 4.15 -1.66 27.25
N GLU B 167 4.82 -0.50 27.30
CA GLU B 167 5.83 -0.15 26.30
C GLU B 167 7.14 -0.91 26.52
N TYR B 168 7.45 -1.28 27.76
CA TYR B 168 8.66 -2.07 28.00
C TYR B 168 8.57 -3.42 27.29
N SER B 169 7.38 -4.00 27.23
CA SER B 169 7.18 -5.20 26.43
C SER B 169 7.47 -4.94 24.96
N GLY B 170 7.10 -3.75 24.47
CA GLY B 170 7.44 -3.39 23.11
C GLY B 170 8.93 -3.31 22.88
N SER B 171 9.66 -2.75 23.84
CA SER B 171 11.11 -2.70 23.73
C SER B 171 11.71 -4.10 23.73
N LEU B 172 11.18 -5.00 24.57
CA LEU B 172 11.67 -6.38 24.58
C LEU B 172 11.39 -7.07 23.25
N MET B 173 10.21 -6.83 22.67
CA MET B 173 9.91 -7.39 21.36
C MET B 173 10.86 -6.84 20.30
N VAL B 174 11.22 -5.56 20.39
CA VAL B 174 12.16 -4.98 19.45
C VAL B 174 13.53 -5.66 19.57
N GLN B 175 13.98 -5.89 20.79
CA GLN B 175 15.25 -6.59 21.00
C GLN B 175 15.20 -8.01 20.43
N ILE B 176 14.07 -8.71 20.64
CA ILE B 176 13.92 -10.05 20.09
C ILE B 176 13.96 -10.02 18.57
N VAL B 177 13.30 -9.03 17.97
CA VAL B 177 13.30 -8.92 16.51
C VAL B 177 14.72 -8.67 16.01
N VAL B 178 15.47 -7.82 16.70
CA VAL B 178 16.85 -7.55 16.31
C VAL B 178 17.68 -8.82 16.34
N LEU B 179 17.55 -9.59 17.43
CA LEU B 179 18.30 -10.85 17.54
C LEU B 179 17.90 -11.84 16.46
N GLN B 180 16.60 -11.92 16.17
CA GLN B 180 16.09 -12.81 15.14
C GLN B 180 16.60 -12.45 13.75
N CYS B 181 16.65 -11.16 13.45
CA CYS B 181 17.12 -10.69 12.16
C CYS B 181 18.63 -10.89 11.99
N ILE B 182 19.39 -10.61 13.04
CA ILE B 182 20.85 -10.68 12.91
C ILE B 182 21.34 -12.13 12.88
N ILE B 183 20.83 -12.97 13.78
CA ILE B 183 21.42 -14.28 14.06
C ILE B 183 20.57 -15.42 13.52
N TRP B 184 19.35 -15.58 14.02
CA TRP B 184 18.60 -16.81 13.79
C TRP B 184 18.20 -17.00 12.33
N TYR B 185 17.86 -15.91 11.64
CA TYR B 185 17.62 -16.02 10.20
C TYR B 185 18.90 -16.40 9.47
N THR B 186 20.04 -15.84 9.90
CA THR B 186 21.32 -16.23 9.32
C THR B 186 21.61 -17.70 9.56
N LEU B 187 21.31 -18.20 10.76
CA LEU B 187 21.52 -19.61 11.05
C LEU B 187 20.61 -20.49 10.20
N LEU B 188 19.36 -20.07 10.00
CA LEU B 188 18.46 -20.81 9.10
C LEU B 188 19.03 -20.86 7.69
N LEU B 189 19.54 -19.71 7.21
CA LEU B 189 20.14 -19.68 5.88
C LEU B 189 21.38 -20.57 5.81
N PHE B 190 22.17 -20.60 6.89
CA PHE B 190 23.32 -21.49 6.94
C PHE B 190 22.90 -22.94 6.80
N LEU B 191 21.86 -23.33 7.54
CA LEU B 191 21.38 -24.72 7.46
C LEU B 191 20.84 -25.05 6.08
N PHE B 192 20.07 -24.13 5.49
CA PHE B 192 19.51 -24.39 4.16
C PHE B 192 20.60 -24.50 3.10
N GLU B 193 21.60 -23.63 3.16
CA GLU B 193 22.70 -23.69 2.21
C GLU B 193 23.54 -24.94 2.42
N PHE B 194 23.73 -25.36 3.68
CA PHE B 194 24.43 -26.61 3.93
C PHE B 194 23.68 -27.80 3.34
N ARG B 195 22.36 -27.82 3.50
CA ARG B 195 21.57 -28.90 2.93
C ARG B 195 21.66 -28.91 1.40
N GLY B 196 21.59 -27.73 0.78
CA GLY B 196 21.71 -27.66 -0.66
C GLY B 196 23.08 -28.11 -1.16
N ALA B 197 24.14 -27.70 -0.46
CA ALA B 197 25.49 -28.10 -0.83
C ALA B 197 25.67 -29.61 -0.67
N LYS B 198 25.13 -30.18 0.42
CA LYS B 198 25.19 -31.63 0.61
C LYS B 198 24.46 -32.35 -0.51
N MET B 199 23.28 -31.86 -0.89
CA MET B 199 22.53 -32.51 -1.96
C MET B 199 23.31 -32.44 -3.28
N LEU B 200 23.88 -31.28 -3.58
CA LEU B 200 24.64 -31.13 -4.83
C LEU B 200 25.87 -32.04 -4.84
N ILE B 201 26.59 -32.09 -3.73
CA ILE B 201 27.79 -32.92 -3.65
C ILE B 201 27.43 -34.40 -3.78
N MET B 202 26.37 -34.83 -3.09
CA MET B 202 25.97 -36.23 -3.14
C MET B 202 25.51 -36.62 -4.54
N GLU B 203 24.70 -35.77 -5.18
CA GLU B 203 24.16 -36.13 -6.48
C GLU B 203 25.21 -36.08 -7.58
N GLN B 204 26.02 -35.02 -7.61
CA GLN B 204 26.95 -34.84 -8.72
C GLN B 204 28.12 -35.81 -8.65
N PHE B 205 28.64 -36.06 -7.45
CA PHE B 205 29.81 -36.90 -7.26
C PHE B 205 29.50 -37.97 -6.21
N PRO B 206 28.79 -39.03 -6.60
CA PRO B 206 28.55 -40.13 -5.65
C PRO B 206 29.82 -40.79 -5.15
N GLU B 207 30.86 -40.86 -5.98
CA GLU B 207 32.12 -41.48 -5.59
C GLU B 207 33.32 -40.55 -5.70
N THR B 208 33.28 -39.56 -6.60
CA THR B 208 34.41 -38.67 -6.82
C THR B 208 34.54 -37.59 -5.74
N ALA B 209 33.49 -37.35 -4.97
CA ALA B 209 33.51 -36.31 -3.95
C ALA B 209 34.45 -36.62 -2.78
N ALA B 210 35.14 -37.76 -2.80
CA ALA B 210 36.01 -38.12 -1.70
C ALA B 210 37.19 -37.16 -1.59
N SER B 211 37.79 -36.79 -2.71
CA SER B 211 39.06 -36.06 -2.73
C SER B 211 38.93 -34.61 -3.15
N ILE B 212 37.72 -34.06 -3.21
CA ILE B 212 37.55 -32.66 -3.59
C ILE B 212 38.11 -31.75 -2.51
N VAL B 213 38.78 -30.68 -2.92
CA VAL B 213 39.42 -29.77 -1.97
C VAL B 213 39.05 -28.31 -2.18
N SER B 214 38.57 -27.91 -3.36
CA SER B 214 38.27 -26.51 -3.63
C SER B 214 36.99 -26.40 -4.44
N PHE B 215 36.28 -25.29 -4.25
CA PHE B 215 35.04 -25.02 -4.96
C PHE B 215 35.11 -23.64 -5.61
N LYS B 216 34.64 -23.55 -6.85
CA LYS B 216 34.57 -22.29 -7.59
C LYS B 216 33.15 -22.10 -8.07
N VAL B 217 32.64 -20.87 -7.90
CA VAL B 217 31.26 -20.53 -8.28
C VAL B 217 31.29 -19.26 -9.10
N GLU B 218 30.63 -19.29 -10.26
CA GLU B 218 30.54 -18.10 -11.09
C GLU B 218 29.61 -17.07 -10.46
N SER B 219 29.74 -15.82 -10.92
CA SER B 219 28.98 -14.72 -10.34
C SER B 219 27.49 -14.81 -10.66
N ASP B 220 27.11 -15.54 -11.71
CA ASP B 220 25.71 -15.60 -12.09
C ASP B 220 24.89 -16.49 -11.16
N VAL B 221 25.56 -17.39 -10.43
CA VAL B 221 24.85 -18.28 -9.52
C VAL B 221 24.37 -17.49 -8.30
N VAL B 222 23.09 -17.62 -7.99
CA VAL B 222 22.51 -16.91 -6.85
C VAL B 222 21.98 -17.85 -5.77
N SER B 223 21.74 -19.12 -6.08
CA SER B 223 21.16 -20.03 -5.09
C SER B 223 21.58 -21.46 -5.42
N LEU B 224 21.44 -22.33 -4.42
CA LEU B 224 21.67 -23.76 -4.57
C LEU B 224 20.38 -24.55 -4.43
N ASP B 225 19.24 -23.91 -4.72
CA ASP B 225 17.95 -24.57 -4.55
C ASP B 225 17.79 -25.72 -5.54
N GLY B 226 18.33 -25.58 -6.74
CA GLY B 226 18.14 -26.54 -7.79
C GLY B 226 17.12 -26.15 -8.83
N HIS B 227 16.46 -25.01 -8.67
CA HIS B 227 15.50 -24.54 -9.67
C HIS B 227 16.17 -24.19 -11.00
N ASP B 228 17.47 -23.98 -11.00
CA ASP B 228 18.23 -23.68 -12.20
C ASP B 228 19.16 -24.84 -12.54
N PHE B 229 19.83 -24.72 -13.68
CA PHE B 229 20.71 -25.76 -14.20
C PHE B 229 22.12 -25.50 -13.70
N LEU B 230 22.54 -26.25 -12.68
CA LEU B 230 23.86 -26.07 -12.06
C LEU B 230 24.77 -27.21 -12.52
N GLU B 231 25.86 -26.86 -13.18
CA GLU B 231 26.84 -27.83 -13.65
C GLU B 231 28.19 -27.56 -13.00
N THR B 232 28.85 -28.62 -12.56
CA THR B 232 30.13 -28.51 -11.85
C THR B 232 31.20 -29.22 -12.69
N ASP B 233 32.02 -28.43 -13.37
CA ASP B 233 33.14 -28.98 -14.11
C ASP B 233 34.23 -29.45 -13.15
N ALA B 234 34.88 -30.54 -13.52
CA ALA B 234 35.93 -31.15 -12.69
C ALA B 234 37.24 -31.15 -13.46
N GLU B 235 38.30 -30.68 -12.82
CA GLU B 235 39.63 -30.67 -13.41
C GLU B 235 40.64 -31.25 -12.43
N ILE B 236 41.56 -32.05 -12.96
CA ILE B 236 42.59 -32.66 -12.12
C ILE B 236 43.68 -31.66 -11.83
N GLY B 237 44.09 -31.59 -10.56
CA GLY B 237 45.15 -30.67 -10.17
C GLY B 237 46.53 -31.18 -10.53
N ASP B 238 47.51 -30.27 -10.43
CA ASP B 238 48.89 -30.64 -10.71
C ASP B 238 49.41 -31.67 -9.72
N ASP B 239 49.08 -31.51 -8.44
CA ASP B 239 49.53 -32.45 -7.42
C ASP B 239 48.81 -33.79 -7.52
N GLY B 240 47.57 -33.80 -7.99
CA GLY B 240 46.78 -35.01 -8.12
C GLY B 240 45.36 -34.89 -7.60
N LYS B 241 45.05 -33.84 -6.85
CA LYS B 241 43.69 -33.66 -6.36
C LYS B 241 42.78 -33.14 -7.47
N LEU B 242 41.49 -33.02 -7.15
CA LEU B 242 40.47 -32.64 -8.11
C LEU B 242 39.77 -31.38 -7.65
N HIS B 243 39.68 -30.40 -8.55
CA HIS B 243 38.99 -29.14 -8.29
C HIS B 243 37.69 -29.10 -9.09
N VAL B 244 36.69 -28.42 -8.52
CA VAL B 244 35.37 -28.34 -9.13
C VAL B 244 34.95 -26.88 -9.24
N THR B 245 34.31 -26.55 -10.36
CA THR B 245 33.80 -25.21 -10.64
C THR B 245 32.30 -25.28 -10.88
N VAL B 246 31.55 -24.48 -10.14
CA VAL B 246 30.09 -24.49 -10.19
C VAL B 246 29.63 -23.33 -11.08
N ARG B 247 28.76 -23.61 -12.05
CA ARG B 247 28.25 -22.55 -12.91
C ARG B 247 26.83 -22.86 -13.35
N LYS B 248 26.14 -21.81 -13.77
CA LYS B 248 24.79 -21.93 -14.30
C LYS B 248 24.82 -22.16 -15.81
N SER B 249 24.03 -23.13 -16.26
CA SER B 249 23.97 -23.44 -17.69
C SER B 249 23.26 -22.34 -18.47
N LYS B 511 29.10 -43.00 0.53
CA LYS B 511 28.72 -41.68 1.04
C LYS B 511 29.80 -41.14 1.98
N ASN B 512 30.80 -40.49 1.41
CA ASN B 512 31.92 -39.94 2.15
C ASN B 512 31.83 -38.41 2.15
N MET B 513 32.56 -37.81 3.10
CA MET B 513 32.54 -36.36 3.26
C MET B 513 33.94 -35.78 3.03
N PRO B 514 34.07 -34.77 2.17
CA PRO B 514 35.32 -34.00 2.10
C PRO B 514 35.59 -33.31 3.42
N PRO B 515 36.79 -32.75 3.63
CA PRO B 515 37.06 -32.08 4.90
C PRO B 515 36.24 -30.81 5.07
N ALA B 516 35.95 -30.48 6.32
CA ALA B 516 34.97 -29.45 6.63
C ALA B 516 35.37 -28.06 6.16
N SER B 517 36.65 -27.86 5.86
CA SER B 517 37.11 -26.53 5.45
C SER B 517 36.46 -26.10 4.13
N VAL B 518 36.36 -27.01 3.17
CA VAL B 518 35.84 -26.64 1.85
C VAL B 518 34.34 -26.37 1.93
N MET B 519 33.59 -27.17 2.71
CA MET B 519 32.18 -26.85 2.91
C MET B 519 32.03 -25.53 3.64
N THR B 520 32.89 -25.25 4.62
CA THR B 520 32.82 -23.97 5.32
C THR B 520 32.99 -22.81 4.34
N ARG B 521 33.99 -22.91 3.47
CA ARG B 521 34.24 -21.84 2.50
C ARG B 521 33.07 -21.68 1.54
N LEU B 522 32.57 -22.80 1.00
CA LEU B 522 31.47 -22.72 0.04
C LEU B 522 30.20 -22.15 0.68
N ILE B 523 29.87 -22.61 1.89
CA ILE B 523 28.69 -22.11 2.57
C ILE B 523 28.83 -20.64 2.90
N LEU B 524 30.03 -20.21 3.33
CA LEU B 524 30.25 -18.80 3.61
C LEU B 524 30.04 -17.96 2.35
N ILE B 525 30.55 -18.43 1.22
CA ILE B 525 30.42 -17.68 -0.04
C ILE B 525 28.95 -17.57 -0.42
N MET B 526 28.20 -18.68 -0.33
CA MET B 526 26.78 -18.65 -0.69
C MET B 526 25.99 -17.74 0.26
N VAL B 527 26.26 -17.82 1.56
CA VAL B 527 25.55 -17.00 2.53
C VAL B 527 25.83 -15.53 2.27
N TRP B 528 27.07 -15.18 1.94
CA TRP B 528 27.38 -13.79 1.61
C TRP B 528 26.65 -13.35 0.35
N ARG B 529 26.63 -14.20 -0.67
CA ARG B 529 25.99 -13.83 -1.93
C ARG B 529 24.49 -13.66 -1.77
N LYS B 530 23.89 -14.34 -0.80
CA LYS B 530 22.46 -14.15 -0.59
C LYS B 530 22.15 -13.04 0.40
N LEU B 531 23.02 -12.78 1.39
CA LEU B 531 22.81 -11.65 2.28
C LEU B 531 23.03 -10.32 1.56
N ILE B 532 23.87 -10.30 0.52
CA ILE B 532 24.12 -9.05 -0.19
C ILE B 532 22.93 -8.61 -1.04
N ARG B 533 21.94 -9.49 -1.22
CA ARG B 533 20.80 -9.20 -2.08
C ARG B 533 19.48 -9.45 -1.33
N ASN B 534 19.37 -8.94 -0.12
CA ASN B 534 18.16 -9.09 0.70
C ASN B 534 17.88 -7.77 1.40
N PRO B 535 16.70 -7.17 1.20
CA PRO B 535 16.42 -5.87 1.83
C PRO B 535 16.45 -5.91 3.34
N ASN B 536 16.10 -7.04 3.94
CA ASN B 536 16.06 -7.13 5.41
C ASN B 536 17.45 -6.97 6.01
N THR B 537 18.47 -7.53 5.35
CA THR B 537 19.83 -7.40 5.87
C THR B 537 20.29 -5.95 5.86
N TYR B 538 20.04 -5.24 4.75
CA TYR B 538 20.39 -3.82 4.69
C TYR B 538 19.63 -3.02 5.74
N SER B 539 18.33 -3.29 5.89
CA SER B 539 17.55 -2.57 6.89
C SER B 539 18.12 -2.80 8.29
N SER B 540 18.40 -4.05 8.64
CA SER B 540 18.90 -4.36 9.98
C SER B 540 20.26 -3.72 10.21
N LEU B 541 21.17 -3.83 9.23
CA LEU B 541 22.52 -3.32 9.42
C LEU B 541 22.53 -1.80 9.53
N ILE B 542 21.83 -1.12 8.61
CA ILE B 542 21.80 0.33 8.64
C ILE B 542 21.11 0.83 9.91
N GLY B 543 20.01 0.18 10.32
CA GLY B 543 19.35 0.58 11.54
C GLY B 543 20.22 0.39 12.77
N LEU B 544 20.95 -0.73 12.83
CA LEU B 544 21.83 -0.96 13.96
C LEU B 544 22.96 0.06 14.02
N ILE B 545 23.58 0.35 12.87
CA ILE B 545 24.67 1.32 12.85
C ILE B 545 24.17 2.70 13.24
N TRP B 546 23.01 3.11 12.69
CA TRP B 546 22.46 4.42 13.03
C TRP B 546 22.08 4.50 14.50
N ALA B 547 21.50 3.42 15.04
CA ALA B 547 21.15 3.41 16.46
C ALA B 547 22.40 3.53 17.32
N LEU B 548 23.46 2.81 16.96
CA LEU B 548 24.71 2.88 17.73
C LEU B 548 25.26 4.29 17.74
N VAL B 549 25.39 4.91 16.56
CA VAL B 549 25.99 6.24 16.50
C VAL B 549 25.07 7.28 17.17
N ALA B 550 23.75 7.13 17.02
CA ALA B 550 22.83 8.12 17.53
C ALA B 550 22.69 8.05 19.04
N PHE B 551 22.79 6.86 19.63
CA PHE B 551 22.78 6.74 21.08
C PHE B 551 24.16 6.84 21.69
N ARG B 552 25.21 6.89 20.86
CA ARG B 552 26.55 7.20 21.34
C ARG B 552 26.80 8.71 21.41
N TRP B 553 26.45 9.44 20.35
CA TRP B 553 26.75 10.86 20.26
C TRP B 553 25.51 11.74 20.33
N HIS B 554 24.35 11.17 20.64
CA HIS B 554 23.10 11.93 20.78
C HIS B 554 22.80 12.77 19.53
N VAL B 555 22.98 12.16 18.36
CA VAL B 555 22.75 12.83 17.09
C VAL B 555 21.30 12.64 16.67
N ALA B 556 20.66 13.73 16.27
CA ALA B 556 19.27 13.71 15.83
C ALA B 556 19.22 13.67 14.31
N MET B 557 18.36 12.80 13.78
CA MET B 557 18.23 12.67 12.34
C MET B 557 17.51 13.89 11.76
N PRO B 558 17.90 14.35 10.57
CA PRO B 558 17.19 15.48 9.96
C PRO B 558 15.71 15.18 9.76
N LYS B 559 14.88 16.22 9.97
CA LYS B 559 13.44 16.04 9.94
C LYS B 559 12.95 15.63 8.55
N ILE B 560 13.56 16.18 7.50
CA ILE B 560 13.11 15.87 6.14
C ILE B 560 13.32 14.40 5.82
N ILE B 561 14.47 13.84 6.21
CA ILE B 561 14.72 12.43 5.98
C ILE B 561 13.78 11.57 6.83
N GLN B 562 13.50 12.01 8.05
CA GLN B 562 12.57 11.29 8.91
C GLN B 562 11.18 11.21 8.28
N GLN B 563 10.69 12.34 7.75
CA GLN B 563 9.39 12.33 7.10
C GLN B 563 9.40 11.51 5.82
N SER B 564 10.51 11.57 5.08
CA SER B 564 10.62 10.77 3.85
C SER B 564 10.54 9.28 4.16
N ILE B 565 11.17 8.84 5.25
CA ILE B 565 11.07 7.44 5.64
C ILE B 565 9.68 7.12 6.16
N SER B 566 9.10 8.02 6.96
CA SER B 566 7.82 7.73 7.60
C SER B 566 6.67 7.68 6.62
N ILE B 567 6.73 8.46 5.53
CA ILE B 567 5.60 8.49 4.61
C ILE B 567 5.36 7.12 3.98
N LEU B 568 6.41 6.31 3.87
CA LEU B 568 6.26 4.94 3.40
C LEU B 568 6.28 3.91 4.52
N SER B 569 6.80 4.28 5.70
CA SER B 569 6.76 3.37 6.84
C SER B 569 5.38 3.28 7.46
N ASP B 570 4.57 4.34 7.33
CA ASP B 570 3.24 4.35 7.94
C ASP B 570 2.31 3.30 7.34
N ALA B 571 2.63 2.78 6.16
CA ALA B 571 1.81 1.77 5.52
C ALA B 571 2.22 0.35 5.87
N GLY B 572 3.21 0.17 6.75
CA GLY B 572 3.77 -1.16 6.96
C GLY B 572 2.78 -2.13 7.58
N LEU B 573 2.14 -1.72 8.69
CA LEU B 573 1.31 -2.66 9.44
C LEU B 573 0.04 -3.03 8.67
N GLY B 574 -0.67 -2.02 8.16
CA GLY B 574 -1.90 -2.29 7.43
C GLY B 574 -1.65 -3.09 6.17
N MET B 575 -0.60 -2.76 5.43
CA MET B 575 -0.30 -3.50 4.21
C MET B 575 0.21 -4.91 4.52
N ALA B 576 0.92 -5.10 5.63
CA ALA B 576 1.32 -6.43 6.02
C ALA B 576 0.11 -7.30 6.32
N MET B 577 -0.85 -6.77 7.07
CA MET B 577 -2.06 -7.54 7.35
C MET B 577 -2.88 -7.77 6.08
N PHE B 578 -2.92 -6.78 5.19
CA PHE B 578 -3.62 -6.94 3.92
C PHE B 578 -2.98 -8.05 3.08
N SER B 579 -1.65 -8.09 3.04
CA SER B 579 -0.96 -9.14 2.29
C SER B 579 -1.17 -10.50 2.92
N LEU B 580 -1.25 -10.56 4.25
CA LEU B 580 -1.57 -11.82 4.90
C LEU B 580 -2.97 -12.29 4.53
N GLY B 581 -3.93 -11.37 4.46
CA GLY B 581 -5.25 -11.71 3.98
C GLY B 581 -5.25 -12.18 2.54
N LEU B 582 -4.42 -11.56 1.70
CA LEU B 582 -4.29 -12.01 0.31
C LEU B 582 -3.76 -13.43 0.25
N PHE B 583 -2.74 -13.74 1.07
CA PHE B 583 -2.22 -15.10 1.14
C PHE B 583 -3.29 -16.08 1.60
N MET B 584 -4.08 -15.69 2.59
CA MET B 584 -5.18 -16.53 3.04
C MET B 584 -6.18 -16.81 1.93
N ALA B 585 -6.51 -15.77 1.16
CA ALA B 585 -7.53 -15.93 0.13
C ALA B 585 -7.01 -16.70 -1.08
N LEU B 586 -5.71 -16.63 -1.37
CA LEU B 586 -5.17 -17.29 -2.55
C LEU B 586 -5.03 -18.80 -2.38
N GLN B 587 -5.03 -19.30 -1.14
CA GLN B 587 -4.88 -20.73 -0.94
C GLN B 587 -6.15 -21.47 -1.37
N PRO B 588 -6.01 -22.70 -1.89
CA PRO B 588 -7.20 -23.46 -2.29
C PRO B 588 -8.09 -23.85 -1.13
N LYS B 589 -7.51 -24.13 0.04
CA LYS B 589 -8.30 -24.49 1.22
C LYS B 589 -7.52 -24.09 2.46
N LEU B 590 -8.25 -23.80 3.54
CA LEU B 590 -7.64 -23.19 4.72
C LEU B 590 -6.60 -24.10 5.35
N ILE B 591 -6.90 -25.38 5.49
CA ILE B 591 -5.98 -26.36 6.05
C ILE B 591 -5.33 -27.12 4.90
N ALA B 592 -4.00 -27.14 4.88
CA ALA B 592 -3.25 -27.67 3.74
C ALA B 592 -2.77 -29.10 3.95
N CYS B 593 -2.10 -29.38 5.07
CA CYS B 593 -1.46 -30.67 5.24
C CYS B 593 -2.47 -31.78 5.53
N GLY B 594 -3.45 -31.51 6.38
CA GLY B 594 -4.41 -32.51 6.81
C GLY B 594 -4.61 -32.47 8.31
N ASN B 595 -5.63 -33.22 8.75
CA ASN B 595 -6.10 -33.11 10.14
C ASN B 595 -5.00 -33.47 11.13
N SER B 596 -4.38 -34.65 10.97
CA SER B 596 -3.38 -35.09 11.92
C SER B 596 -2.13 -34.22 11.88
N VAL B 597 -1.64 -33.91 10.68
CA VAL B 597 -0.45 -33.09 10.56
C VAL B 597 -0.70 -31.69 11.07
N ALA B 598 -1.87 -31.12 10.75
CA ALA B 598 -2.18 -29.77 11.23
C ALA B 598 -2.31 -29.73 12.75
N THR B 599 -2.99 -30.72 13.34
CA THR B 599 -3.12 -30.70 14.80
C THR B 599 -1.77 -30.91 15.47
N PHE B 600 -0.90 -31.74 14.89
CA PHE B 600 0.45 -31.90 15.44
C PHE B 600 1.24 -30.60 15.37
N ALA B 601 1.21 -29.93 14.22
CA ALA B 601 1.97 -28.69 14.07
C ALA B 601 1.44 -27.60 15.00
N MET B 602 0.12 -27.47 15.09
CA MET B 602 -0.47 -26.44 15.95
C MET B 602 -0.18 -26.74 17.42
N ALA B 603 -0.26 -28.01 17.80
CA ALA B 603 0.07 -28.40 19.18
C ALA B 603 1.52 -28.09 19.49
N VAL B 604 2.43 -28.38 18.56
CA VAL B 604 3.84 -28.05 18.78
C VAL B 604 4.00 -26.56 18.99
N ARG B 605 3.45 -25.77 18.06
CA ARG B 605 3.57 -24.31 18.11
C ARG B 605 3.05 -23.73 19.42
N PHE B 606 1.88 -24.18 19.87
CA PHE B 606 1.23 -23.53 21.01
C PHE B 606 1.43 -24.27 22.33
N LEU B 607 2.17 -25.37 22.35
CA LEU B 607 2.51 -26.03 23.61
C LEU B 607 4.01 -26.12 23.85
N THR B 608 4.77 -26.65 22.89
CA THR B 608 6.18 -26.91 23.13
C THR B 608 6.96 -25.62 23.35
N GLY B 609 6.67 -24.59 22.55
CA GLY B 609 7.33 -23.32 22.67
C GLY B 609 7.15 -22.68 24.04
N PRO B 610 5.90 -22.56 24.50
CA PRO B 610 5.68 -22.10 25.88
C PRO B 610 6.32 -23.00 26.93
N ALA B 611 6.34 -24.31 26.71
CA ALA B 611 6.91 -25.22 27.69
C ALA B 611 8.41 -25.03 27.83
N VAL B 612 9.13 -25.00 26.69
CA VAL B 612 10.57 -24.80 26.74
C VAL B 612 10.90 -23.39 27.22
N MET B 613 10.07 -22.41 26.87
CA MET B 613 10.25 -21.06 27.41
C MET B 613 10.15 -21.06 28.93
N ALA B 614 9.15 -21.73 29.48
CA ALA B 614 9.02 -21.78 30.93
C ALA B 614 10.21 -22.50 31.56
N VAL B 615 10.61 -23.64 30.98
CA VAL B 615 11.73 -24.38 31.54
C VAL B 615 12.98 -23.50 31.58
N ALA B 616 13.31 -22.87 30.46
CA ALA B 616 14.50 -22.03 30.40
C ALA B 616 14.39 -20.82 31.33
N ALA B 617 13.20 -20.22 31.41
CA ALA B 617 13.05 -18.98 32.17
C ALA B 617 13.16 -19.23 33.67
N ILE B 618 12.46 -20.25 34.20
CA ILE B 618 12.66 -20.58 35.60
C ILE B 618 14.06 -21.16 35.84
N ALA B 619 14.68 -21.77 34.82
CA ALA B 619 16.06 -22.23 34.98
C ALA B 619 17.00 -21.06 35.22
N ILE B 620 16.93 -20.04 34.38
CA ILE B 620 17.79 -18.86 34.56
C ILE B 620 17.35 -18.07 35.78
N GLY B 621 16.05 -17.92 35.98
CA GLY B 621 15.56 -17.17 37.13
C GLY B 621 14.68 -15.99 36.77
N LEU B 622 14.02 -16.05 35.62
CA LEU B 622 13.06 -15.01 35.26
C LEU B 622 11.85 -15.07 36.18
N ARG B 623 11.45 -13.91 36.69
CA ARG B 623 10.34 -13.83 37.62
C ARG B 623 9.49 -12.61 37.30
N GLY B 624 8.24 -12.63 37.76
CA GLY B 624 7.35 -11.51 37.54
C GLY B 624 6.83 -11.45 36.11
N ASP B 625 6.28 -10.29 35.76
CA ASP B 625 5.67 -10.09 34.45
C ASP B 625 6.61 -10.47 33.31
N LEU B 626 7.91 -10.20 33.45
CA LEU B 626 8.86 -10.58 32.42
C LEU B 626 8.69 -12.05 32.04
N LEU B 627 8.65 -12.93 33.04
CA LEU B 627 8.42 -14.35 32.77
C LEU B 627 7.15 -14.53 31.93
N ARG B 628 6.04 -13.95 32.38
CA ARG B 628 4.80 -14.05 31.63
C ARG B 628 4.99 -13.57 30.20
N VAL B 629 5.70 -12.44 30.02
CA VAL B 629 5.92 -11.93 28.68
C VAL B 629 6.54 -12.99 27.80
N ALA B 630 7.60 -13.65 28.31
CA ALA B 630 8.25 -14.69 27.53
C ALA B 630 7.25 -15.74 27.08
N ILE B 631 6.42 -16.21 28.01
CA ILE B 631 5.44 -17.24 27.67
C ILE B 631 4.49 -16.72 26.60
N VAL B 632 4.00 -15.49 26.78
CA VAL B 632 3.08 -14.93 25.80
C VAL B 632 3.79 -14.74 24.47
N GLN B 633 5.09 -14.43 24.51
CA GLN B 633 5.84 -14.31 23.27
C GLN B 633 5.97 -15.66 22.59
N ALA B 634 6.04 -16.75 23.37
CA ALA B 634 6.21 -18.07 22.80
C ALA B 634 4.93 -18.58 22.14
N ALA B 635 3.77 -18.08 22.54
CA ALA B 635 2.49 -18.54 22.02
C ALA B 635 2.01 -17.74 20.83
N LEU B 636 2.82 -16.82 20.30
CA LEU B 636 2.42 -16.02 19.16
C LEU B 636 2.39 -16.89 17.90
N PRO B 637 1.67 -16.46 16.86
CA PRO B 637 1.70 -17.18 15.59
C PRO B 637 3.09 -17.16 14.98
N GLN B 638 3.38 -18.21 14.22
CA GLN B 638 4.71 -18.42 13.68
C GLN B 638 5.02 -17.39 12.59
N GLY B 639 6.29 -17.01 12.49
CA GLY B 639 6.70 -15.86 11.72
C GLY B 639 6.59 -16.06 10.21
N ILE B 640 6.77 -14.95 9.49
CA ILE B 640 6.63 -14.94 8.04
C ILE B 640 7.95 -15.26 7.35
N VAL B 641 9.07 -14.77 7.90
CA VAL B 641 10.37 -15.00 7.26
C VAL B 641 10.72 -16.48 7.16
N PRO B 642 10.58 -17.29 8.20
CA PRO B 642 10.80 -18.74 8.01
C PRO B 642 9.85 -19.36 7.00
N PHE B 643 8.62 -18.85 6.91
CA PHE B 643 7.67 -19.36 5.92
C PHE B 643 8.18 -19.08 4.51
N VAL B 644 8.71 -17.87 4.27
CA VAL B 644 9.28 -17.52 2.98
C VAL B 644 10.51 -18.39 2.69
N PHE B 645 11.33 -18.63 3.71
CA PHE B 645 12.49 -19.50 3.53
C PHE B 645 12.06 -20.90 3.13
N ALA B 646 11.04 -21.44 3.79
CA ALA B 646 10.55 -22.78 3.48
C ALA B 646 9.94 -22.82 2.08
N LYS B 647 9.29 -21.74 1.65
CA LYS B 647 8.78 -21.68 0.28
C LYS B 647 9.92 -21.73 -0.73
N GLU B 648 10.96 -20.90 -0.53
CA GLU B 648 12.00 -20.82 -1.55
C GLU B 648 12.85 -22.09 -1.59
N TYR B 649 13.13 -22.70 -0.43
CA TYR B 649 13.87 -23.96 -0.42
C TYR B 649 12.97 -25.19 -0.46
N ASN B 650 11.65 -25.02 -0.41
CA ASN B 650 10.70 -26.12 -0.54
C ASN B 650 10.99 -27.23 0.49
N VAL B 651 11.00 -26.84 1.77
CA VAL B 651 11.19 -27.77 2.87
C VAL B 651 9.93 -27.68 3.74
N HIS B 652 8.98 -28.58 3.50
CA HIS B 652 7.70 -28.59 4.19
C HIS B 652 7.02 -27.22 4.18
N PRO B 653 6.67 -26.70 2.99
CA PRO B 653 6.05 -25.37 2.94
C PRO B 653 4.60 -25.38 3.39
N ALA B 654 3.91 -26.51 3.18
CA ALA B 654 2.51 -26.60 3.56
C ALA B 654 2.32 -26.51 5.07
N ILE B 655 3.20 -27.16 5.83
CA ILE B 655 3.10 -27.11 7.29
C ILE B 655 3.33 -25.69 7.79
N LEU B 656 4.32 -25.00 7.24
CA LEU B 656 4.58 -23.61 7.65
C LEU B 656 3.44 -22.69 7.25
N SER B 657 2.85 -22.92 6.08
CA SER B 657 1.69 -22.13 5.66
C SER B 657 0.50 -22.34 6.59
N THR B 658 0.22 -23.60 6.93
CA THR B 658 -0.82 -23.89 7.91
C THR B 658 -0.53 -23.19 9.22
N GLY B 659 0.72 -23.29 9.68
CA GLY B 659 1.17 -22.59 10.87
C GLY B 659 0.81 -21.13 10.83
N VAL B 660 1.34 -20.39 9.85
CA VAL B 660 1.15 -18.94 9.85
C VAL B 660 -0.33 -18.59 9.77
N ILE B 661 -1.06 -19.21 8.84
CA ILE B 661 -2.44 -18.78 8.60
C ILE B 661 -3.36 -19.17 9.75
N PHE B 662 -3.37 -20.46 10.11
CA PHE B 662 -4.28 -20.90 11.17
C PHE B 662 -3.86 -20.34 12.52
N GLY B 663 -2.57 -20.12 12.74
CA GLY B 663 -2.14 -19.46 13.97
C GLY B 663 -2.60 -18.03 14.05
N MET B 664 -2.53 -17.30 12.93
CA MET B 664 -3.09 -15.96 12.91
C MET B 664 -4.58 -16.00 13.19
N LEU B 665 -5.27 -17.01 12.68
CA LEU B 665 -6.71 -17.12 12.89
C LEU B 665 -7.05 -17.38 14.35
N ILE B 666 -6.40 -18.35 14.97
CA ILE B 666 -6.81 -18.82 16.30
C ILE B 666 -5.83 -18.40 17.40
N ALA B 667 -4.98 -17.39 17.15
CA ALA B 667 -4.11 -16.91 18.20
C ALA B 667 -4.86 -16.10 19.24
N LEU B 668 -5.92 -15.40 18.83
CA LEU B 668 -6.69 -14.61 19.79
C LEU B 668 -7.25 -15.46 20.93
N PRO B 669 -7.97 -16.57 20.68
CA PRO B 669 -8.43 -17.37 21.82
C PRO B 669 -7.28 -17.97 22.62
N ILE B 670 -6.24 -18.47 21.96
CA ILE B 670 -5.15 -19.14 22.67
C ILE B 670 -4.35 -18.13 23.49
N THR B 671 -4.00 -17.00 22.89
CA THR B 671 -3.24 -15.99 23.62
C THR B 671 -4.08 -15.38 24.74
N LEU B 672 -5.37 -15.19 24.51
CA LEU B 672 -6.24 -14.71 25.59
C LEU B 672 -6.32 -15.71 26.73
N VAL B 673 -6.39 -17.01 26.42
CA VAL B 673 -6.39 -18.03 27.46
C VAL B 673 -5.09 -17.99 28.25
N TYR B 674 -3.96 -17.86 27.55
CA TYR B 674 -2.68 -17.75 28.24
C TYR B 674 -2.65 -16.53 29.15
N TYR B 675 -3.17 -15.40 28.66
CA TYR B 675 -3.20 -14.18 29.47
C TYR B 675 -4.07 -14.36 30.71
N ILE B 676 -5.21 -15.04 30.57
CA ILE B 676 -6.10 -15.24 31.70
C ILE B 676 -5.48 -16.17 32.72
N LEU B 677 -4.93 -17.30 32.27
CA LEU B 677 -4.32 -18.25 33.21
C LEU B 677 -3.12 -17.66 33.92
N LEU B 678 -2.27 -16.93 33.19
CA LEU B 678 -1.16 -16.26 33.84
C LEU B 678 -1.60 -15.06 34.67
N GLY B 679 -2.85 -14.62 34.53
CA GLY B 679 -3.39 -13.53 35.30
C GLY B 679 -3.96 -13.90 36.65
N LEU B 680 -3.90 -15.17 37.02
CA LEU B 680 -4.41 -15.61 38.31
C LEU B 680 -3.26 -15.87 39.29
#